data_4K5N
#
_entry.id   4K5N
#
_cell.length_a   75.762
_cell.length_b   109.451
_cell.length_c   118.638
_cell.angle_alpha   90.000
_cell.angle_beta   90.000
_cell.angle_gamma   90.000
#
_symmetry.space_group_name_H-M   'P 21 21 21'
#
loop_
_entity.id
_entity.type
_entity.pdbx_description
1 polymer 'M1 family aminopeptidase'
2 non-polymer 'ZINC ION'
3 non-polymer 'MAGNESIUM ION'
4 non-polymer GLYCEROL
5 non-polymer '[(R)-amino(4-carbamimidamidophenyl)methyl]phosphonic acid'
6 water water
#
_entity_poly.entity_id   1
_entity_poly.type   'polypeptide(L)'
_entity_poly.pdbx_seq_one_letter_code
;PKIHYRKDYKPSGFIINQVTLNINIHDQETIVRSVLDMDISKHNVGEDLVFDGVGLKINEISINNKKLVEGEEYTYDNEF
LTIFSKFVPKSKFAFSSEVIIHPETNYALTGLYKSKNIIVSQCEATGFRRITFFIDRPDMMAKYDVTVTADKEKYPVLLS
NGDKVNEFEIPGGRHGARFNDPPLKPCYLFAVVAGDLKHLSATYITKYTKKKVELYVFSEEKYVSKLQWALECLKKSMAF
DEDYFGLEYDLSRLNLVAVSDFNVGAMENKGLNIFNANSLLASKKNSIDFSYARILTVVGHEYFHQYTGNRVTLRDWFQL
TLKEGLTVHRENLFSEEMTKTVTTRLSHVDLLRSVQFLEDSSPLSHPIRPESYVSMENFYTTTVYDKGSEVMRMYLTILG
EEYYKKGFDIYIKKNDGNTATCEDFNYAMEQAYKMKKADNSANLNQYLLWFSQSGTPHVSFKYNYDAEKKQYSIHVNQYT
KPDENQKEKKPLFIPISVGLINPENGKEMISQTTLELTKESDTFVFNNIAVKPIPSLFRGFSAPVYIEDQLTDEERILLL
KYDSDAFVRYNSCTNIYMKQILMNYNEFLKAKNEKLESFQLTPVNAQFIDAIKYLLEDPHADAGFKSYIVSLPQDRYIIN
FVSNLDTDVLADTKEYIYKQIGDKLNDVYYKMFKSLEAKADDLTYFNDESHVDFDQMNMRTLRNTLLSLLSKAQYPNILN
EIIEHSKSPYPSNWLTSLSVSAYFDKYFELYDKTYKLSKDDELLLQEWLKTVSRSDRKDIYEILKKLENEVLKDSKNPND
IRAVYLPFTNNLRRFHDISGKGYKLIAEVITKTDKFNPMVATQLCEPFKLWNKLDTKRQELMLNEMNTMLQEPQISNNLK
EYLLRLTNKHHHHHH
;
_entity_poly.pdbx_strand_id   A
#
# COMPACT_ATOMS: atom_id res chain seq x y z
N PRO A 1 -28.50 1.98 2.67
CA PRO A 1 -27.61 2.60 1.69
C PRO A 1 -27.68 1.85 0.34
N LYS A 2 -27.42 2.59 -0.74
CA LYS A 2 -27.54 2.05 -2.10
C LYS A 2 -26.35 1.09 -2.36
N ILE A 3 -26.63 -0.09 -2.89
CA ILE A 3 -25.55 -1.00 -3.30
C ILE A 3 -25.31 -0.91 -4.82
N HIS A 4 -24.05 -0.61 -5.23
CA HIS A 4 -23.75 -0.52 -6.67
C HIS A 4 -23.27 -1.87 -7.16
N TYR A 5 -23.81 -2.35 -8.29
CA TYR A 5 -23.42 -3.67 -8.83
C TYR A 5 -22.69 -3.58 -10.15
N ARG A 6 -21.60 -4.35 -10.26
CA ARG A 6 -20.82 -4.39 -11.50
C ARG A 6 -21.63 -4.67 -12.75
N LYS A 7 -22.55 -5.65 -12.65
CA LYS A 7 -23.37 -6.05 -13.84
C LYS A 7 -24.37 -4.97 -14.29
N ASP A 8 -24.57 -3.93 -13.47
CA ASP A 8 -25.53 -2.85 -13.78
C ASP A 8 -24.95 -1.66 -14.56
N TYR A 9 -23.68 -1.72 -14.97
CA TYR A 9 -23.06 -0.60 -15.64
C TYR A 9 -23.85 -0.22 -16.95
N LYS A 10 -24.17 1.05 -17.09
CA LYS A 10 -24.79 1.57 -18.34
C LYS A 10 -24.25 2.97 -18.51
N PRO A 11 -23.93 3.36 -19.75
CA PRO A 11 -23.45 4.72 -20.01
C PRO A 11 -24.54 5.71 -19.65
N SER A 12 -24.13 6.92 -19.29
CA SER A 12 -25.01 8.07 -18.89
C SER A 12 -25.88 8.54 -20.08
N GLY A 13 -27.07 9.06 -19.79
CA GLY A 13 -27.83 9.74 -20.87
C GLY A 13 -27.40 11.18 -21.14
N PHE A 14 -26.24 11.61 -20.60
CA PHE A 14 -25.70 12.94 -20.82
C PHE A 14 -24.24 12.91 -21.21
N ILE A 15 -23.77 14.02 -21.77
CA ILE A 15 -22.36 14.20 -22.06
C ILE A 15 -22.03 15.55 -21.51
N ILE A 16 -20.85 15.66 -20.89
CA ILE A 16 -20.31 16.92 -20.50
C ILE A 16 -19.08 17.07 -21.35
N ASN A 17 -19.10 18.07 -22.24
CA ASN A 17 -17.98 18.30 -23.14
C ASN A 17 -16.93 19.23 -22.59
N GLN A 18 -17.36 20.26 -21.84
CA GLN A 18 -16.45 21.28 -21.43
C GLN A 18 -16.84 21.77 -20.02
N VAL A 19 -15.81 21.97 -19.21
CA VAL A 19 -15.97 22.53 -17.89
C VAL A 19 -15.20 23.84 -17.82
N THR A 20 -15.83 24.92 -17.38
CA THR A 20 -15.10 26.15 -17.15
C THR A 20 -15.28 26.55 -15.69
N LEU A 21 -14.20 26.58 -14.93
CA LEU A 21 -14.27 26.77 -13.47
C LEU A 21 -13.71 28.08 -13.05
N ASN A 22 -14.36 28.70 -12.08
CA ASN A 22 -13.77 29.85 -11.44
C ASN A 22 -13.83 29.52 -9.97
N ILE A 23 -12.66 29.42 -9.35
CA ILE A 23 -12.57 29.07 -7.93
C ILE A 23 -11.97 30.31 -7.22
N ASN A 24 -12.79 30.98 -6.41
CA ASN A 24 -12.38 32.22 -5.76
C ASN A 24 -12.27 31.95 -4.29
N ILE A 25 -11.04 31.91 -3.82
CA ILE A 25 -10.72 31.50 -2.44
C ILE A 25 -10.68 32.77 -1.59
N HIS A 26 -11.52 32.82 -0.53
CA HIS A 26 -11.55 33.94 0.41
C HIS A 26 -11.26 33.45 1.83
N ASP A 27 -11.13 34.37 2.80
CA ASP A 27 -10.66 34.01 4.15
C ASP A 27 -11.60 33.03 4.79
N GLN A 28 -12.89 33.27 4.66
CA GLN A 28 -13.88 32.47 5.34
C GLN A 28 -14.69 31.56 4.45
N GLU A 29 -14.40 31.53 3.15
CA GLU A 29 -15.22 30.74 2.19
C GLU A 29 -14.59 30.76 0.83
N THR A 30 -14.91 29.75 0.03
CA THR A 30 -14.43 29.68 -1.33
C THR A 30 -15.68 29.59 -2.19
N ILE A 31 -15.74 30.48 -3.18
CA ILE A 31 -16.85 30.48 -4.09
C ILE A 31 -16.45 29.82 -5.42
N VAL A 32 -17.27 28.89 -5.90
CA VAL A 32 -16.92 28.14 -7.09
C VAL A 32 -18.03 28.36 -8.08
N ARG A 33 -17.66 28.97 -9.21
CA ARG A 33 -18.55 29.12 -10.37
C ARG A 33 -18.18 28.12 -11.44
N SER A 34 -19.16 27.45 -12.03
CA SER A 34 -18.86 26.41 -12.97
C SER A 34 -19.86 26.45 -14.09
N VAL A 35 -19.37 26.48 -15.33
CA VAL A 35 -20.22 26.33 -16.49
C VAL A 35 -19.91 24.97 -17.13
N LEU A 36 -20.93 24.13 -17.25
CA LEU A 36 -20.73 22.90 -17.99
C LEU A 36 -21.40 22.98 -19.36
N ASP A 37 -20.64 22.72 -20.42
CA ASP A 37 -21.27 22.59 -21.76
C ASP A 37 -21.66 21.15 -22.00
N MET A 38 -22.96 20.92 -22.08
CA MET A 38 -23.53 19.58 -22.03
C MET A 38 -24.29 19.16 -23.29
N ASP A 39 -24.61 17.87 -23.41
CA ASP A 39 -25.38 17.35 -24.52
C ASP A 39 -26.16 16.18 -23.97
N ILE A 40 -27.09 15.70 -24.78
CA ILE A 40 -27.95 14.60 -24.48
C ILE A 40 -27.23 13.45 -25.24
N SER A 41 -27.03 12.28 -24.63
CA SER A 41 -26.35 11.17 -25.37
C SER A 41 -27.33 10.26 -26.08
N LYS A 42 -26.82 9.35 -26.92
CA LYS A 42 -27.67 8.37 -27.64
C LYS A 42 -28.40 7.42 -26.68
N HIS A 43 -28.02 7.44 -25.41
CA HIS A 43 -28.53 6.49 -24.44
C HIS A 43 -29.63 7.13 -23.66
N ASN A 44 -29.76 8.45 -23.81
CA ASN A 44 -30.77 9.19 -23.12
C ASN A 44 -32.21 8.65 -23.41
N VAL A 45 -33.06 8.65 -22.38
CA VAL A 45 -34.47 8.14 -22.46
C VAL A 45 -35.44 9.15 -21.82
N GLY A 46 -35.10 10.43 -21.82
CA GLY A 46 -35.95 11.49 -21.30
C GLY A 46 -35.87 11.64 -19.80
N GLU A 47 -34.81 11.10 -19.16
CA GLU A 47 -34.74 11.08 -17.67
C GLU A 47 -34.44 12.46 -17.07
N ASP A 48 -34.69 12.59 -15.75
CA ASP A 48 -34.22 13.76 -14.99
C ASP A 48 -32.69 13.91 -15.14
N LEU A 49 -32.17 15.14 -15.20
CA LEU A 49 -30.72 15.36 -15.08
C LEU A 49 -30.36 15.38 -13.58
N VAL A 50 -29.45 14.48 -13.17
CA VAL A 50 -29.14 14.32 -11.74
C VAL A 50 -27.63 14.51 -11.62
N PHE A 51 -27.22 15.52 -10.87
CA PHE A 51 -25.82 15.73 -10.59
C PHE A 51 -25.47 15.25 -9.17
N ASP A 52 -24.24 14.76 -9.03
CA ASP A 52 -23.70 14.60 -7.68
C ASP A 52 -23.32 15.96 -7.16
N GLY A 53 -23.58 16.18 -5.88
CA GLY A 53 -23.04 17.36 -5.26
C GLY A 53 -23.23 17.21 -3.76
N VAL A 54 -22.12 17.19 -3.04
CA VAL A 54 -22.16 16.86 -1.58
C VAL A 54 -21.69 18.04 -0.74
N GLY A 55 -22.55 18.54 0.15
CA GLY A 55 -22.18 19.55 1.11
C GLY A 55 -22.13 20.93 0.45
N LEU A 56 -22.80 21.10 -0.69
CA LEU A 56 -22.62 22.38 -1.40
C LEU A 56 -23.71 23.31 -0.91
N LYS A 57 -23.38 24.59 -0.87
CA LYS A 57 -24.39 25.66 -0.57
C LYS A 57 -24.68 26.36 -1.87
N ILE A 58 -25.89 26.22 -2.37
CA ILE A 58 -26.25 26.79 -3.67
C ILE A 58 -26.54 28.30 -3.51
N ASN A 59 -25.83 29.12 -4.26
CA ASN A 59 -26.17 30.54 -4.46
C ASN A 59 -27.19 30.63 -5.57
N GLU A 60 -26.91 29.96 -6.70
CA GLU A 60 -27.89 29.84 -7.79
C GLU A 60 -27.45 28.78 -8.82
N ILE A 61 -28.43 28.20 -9.53
CA ILE A 61 -28.23 27.30 -10.67
C ILE A 61 -29.08 27.77 -11.88
N SER A 62 -28.59 27.45 -13.08
CA SER A 62 -29.13 27.95 -14.34
C SER A 62 -28.93 26.95 -15.46
N ILE A 63 -29.83 27.02 -16.45
CA ILE A 63 -29.62 26.46 -17.79
C ILE A 63 -29.65 27.57 -18.88
N ASN A 64 -28.67 27.60 -19.76
CA ASN A 64 -28.62 28.60 -20.85
C ASN A 64 -28.80 30.04 -20.32
N ASN A 65 -28.19 30.34 -19.16
CA ASN A 65 -28.24 31.67 -18.55
C ASN A 65 -29.62 32.11 -17.98
N LYS A 66 -30.53 31.16 -17.75
CA LYS A 66 -31.76 31.40 -17.02
C LYS A 66 -31.82 30.64 -15.66
N LYS A 67 -32.20 31.32 -14.57
CA LYS A 67 -32.20 30.73 -13.20
C LYS A 67 -33.27 29.68 -13.00
N LEU A 68 -32.88 28.60 -12.34
CA LEU A 68 -33.86 27.57 -11.96
C LEU A 68 -34.50 27.85 -10.58
N VAL A 69 -35.71 27.32 -10.34
CA VAL A 69 -36.41 27.53 -9.06
C VAL A 69 -36.55 26.33 -8.19
N GLU A 70 -36.05 26.47 -6.98
CA GLU A 70 -35.95 25.34 -6.13
C GLU A 70 -37.38 24.90 -5.85
N GLY A 71 -37.60 23.60 -5.91
CA GLY A 71 -38.87 23.04 -5.52
C GLY A 71 -39.74 22.79 -6.72
N GLU A 72 -39.73 23.74 -7.67
CA GLU A 72 -40.58 23.62 -8.88
C GLU A 72 -39.81 22.99 -10.06
N GLU A 73 -38.59 23.47 -10.31
CA GLU A 73 -37.72 22.95 -11.38
C GLU A 73 -36.63 21.95 -10.89
N TYR A 74 -36.39 21.90 -9.58
CA TYR A 74 -35.27 21.11 -9.03
C TYR A 74 -35.36 20.85 -7.51
N THR A 75 -34.72 19.77 -7.06
CA THR A 75 -34.55 19.55 -5.63
C THR A 75 -33.06 19.29 -5.39
N TYR A 76 -32.57 19.64 -4.21
CA TYR A 76 -31.20 19.34 -3.82
C TYR A 76 -31.26 18.88 -2.37
N ASP A 77 -30.76 17.68 -2.09
CA ASP A 77 -30.83 17.06 -0.75
C ASP A 77 -29.48 16.91 -0.06
N ASN A 78 -28.50 17.73 -0.46
CA ASN A 78 -27.11 17.71 0.05
C ASN A 78 -26.24 16.56 -0.51
N GLU A 79 -26.81 15.74 -1.37
CA GLU A 79 -26.14 14.63 -2.04
C GLU A 79 -26.34 14.64 -3.56
N PHE A 80 -27.62 14.82 -3.98
CA PHE A 80 -27.98 14.82 -5.42
C PHE A 80 -28.83 16.05 -5.75
N LEU A 81 -28.47 16.73 -6.83
CA LEU A 81 -29.29 17.78 -7.43
C LEU A 81 -30.05 17.14 -8.60
N THR A 82 -31.40 17.16 -8.52
CA THR A 82 -32.27 16.57 -9.54
C THR A 82 -32.94 17.74 -10.26
N ILE A 83 -32.77 17.84 -11.58
CA ILE A 83 -33.44 18.87 -12.41
C ILE A 83 -34.45 18.12 -13.25
N PHE A 84 -35.74 18.36 -13.01
CA PHE A 84 -36.80 17.53 -13.52
C PHE A 84 -36.80 17.62 -15.03
N SER A 85 -36.99 16.51 -15.70
CA SER A 85 -36.63 16.48 -17.11
C SER A 85 -37.35 17.51 -18.00
N LYS A 86 -38.59 17.85 -17.63
CA LYS A 86 -39.37 18.78 -18.42
C LYS A 86 -38.62 20.10 -18.60
N PHE A 87 -37.69 20.43 -17.69
CA PHE A 87 -36.83 21.62 -17.81
C PHE A 87 -35.42 21.35 -18.37
N VAL A 88 -35.15 20.12 -18.79
CA VAL A 88 -33.85 19.84 -19.37
C VAL A 88 -33.95 19.91 -20.90
N PRO A 89 -33.11 20.74 -21.58
CA PRO A 89 -33.14 20.90 -23.06
C PRO A 89 -32.74 19.61 -23.77
N LYS A 90 -32.96 19.55 -25.08
CA LYS A 90 -32.79 18.28 -25.82
C LYS A 90 -31.67 18.30 -26.84
N SER A 91 -30.99 19.44 -26.95
CA SER A 91 -29.68 19.47 -27.58
C SER A 91 -28.64 20.21 -26.72
N LYS A 92 -27.45 20.37 -27.27
CA LYS A 92 -26.36 21.09 -26.61
C LYS A 92 -26.85 22.28 -25.77
N PHE A 93 -26.49 22.30 -24.49
CA PHE A 93 -26.95 23.32 -23.55
C PHE A 93 -25.87 23.62 -22.51
N ALA A 94 -26.03 24.75 -21.83
CA ALA A 94 -25.16 25.08 -20.69
C ALA A 94 -25.88 24.87 -19.34
N PHE A 95 -25.22 24.16 -18.42
CA PHE A 95 -25.62 24.21 -17.04
C PHE A 95 -24.61 25.09 -16.31
N SER A 96 -25.07 25.97 -15.40
CA SER A 96 -24.13 26.83 -14.64
C SER A 96 -24.56 26.85 -13.19
N SER A 97 -23.59 27.07 -12.32
CA SER A 97 -23.89 27.14 -10.90
C SER A 97 -22.82 27.94 -10.17
N GLU A 98 -23.22 28.51 -9.02
CA GLU A 98 -22.28 29.14 -8.12
C GLU A 98 -22.60 28.56 -6.71
N VAL A 99 -21.59 27.94 -6.08
CA VAL A 99 -21.74 27.32 -4.77
C VAL A 99 -20.68 27.86 -3.85
N ILE A 100 -20.97 27.76 -2.58
CA ILE A 100 -19.98 28.10 -1.58
C ILE A 100 -19.57 26.78 -0.85
N ILE A 101 -18.26 26.65 -0.65
CA ILE A 101 -17.62 25.57 0.11
C ILE A 101 -16.60 26.21 1.10
N HIS A 102 -16.07 25.39 2.01
CA HIS A 102 -15.31 25.94 3.14
C HIS A 102 -14.04 25.07 3.38
N PRO A 103 -12.99 25.20 2.54
CA PRO A 103 -11.78 24.33 2.67
C PRO A 103 -11.14 24.43 4.07
N GLU A 104 -11.30 25.58 4.74
CA GLU A 104 -10.74 25.80 6.10
C GLU A 104 -11.32 24.87 7.16
N THR A 105 -12.56 24.42 6.98
CA THR A 105 -13.16 23.51 8.00
C THR A 105 -13.29 22.12 7.45
N ASN A 106 -12.62 21.87 6.30
CA ASN A 106 -12.78 20.57 5.66
C ASN A 106 -11.73 19.63 6.21
N TYR A 107 -12.04 18.93 7.31
CA TYR A 107 -10.99 18.10 7.94
C TYR A 107 -11.02 16.65 7.46
N ALA A 108 -11.95 16.34 6.57
CA ALA A 108 -12.06 15.00 6.02
C ALA A 108 -11.01 14.81 4.91
N LEU A 109 -10.41 15.92 4.42
CA LEU A 109 -9.32 15.82 3.44
C LEU A 109 -9.73 15.20 2.06
N THR A 110 -10.96 15.50 1.66
CA THR A 110 -11.51 15.04 0.41
C THR A 110 -12.30 16.22 -0.14
N GLY A 111 -12.25 16.46 -1.45
CA GLY A 111 -12.81 17.72 -2.00
C GLY A 111 -11.70 18.78 -1.91
N LEU A 112 -12.07 20.04 -1.68
CA LEU A 112 -11.08 21.08 -1.55
C LEU A 112 -10.81 21.33 -0.05
N TYR A 113 -9.56 21.32 0.36
CA TYR A 113 -9.31 21.52 1.77
C TYR A 113 -8.03 22.26 2.06
N LYS A 114 -7.92 22.76 3.30
CA LYS A 114 -6.75 23.49 3.71
C LYS A 114 -5.82 22.51 4.51
N SER A 115 -4.55 22.39 4.09
CA SER A 115 -3.56 21.65 4.89
C SER A 115 -2.48 22.65 5.39
N LYS A 116 -2.61 23.07 6.64
CA LYS A 116 -1.68 24.07 7.22
C LYS A 116 -1.95 25.37 6.43
N ASN A 117 -1.01 25.92 5.69
CA ASN A 117 -1.34 27.13 4.91
C ASN A 117 -1.41 26.88 3.39
N ILE A 118 -1.69 25.64 3.01
CA ILE A 118 -1.80 25.33 1.59
C ILE A 118 -3.27 24.90 1.32
N ILE A 119 -3.85 25.37 0.21
CA ILE A 119 -5.16 24.88 -0.18
C ILE A 119 -4.94 23.83 -1.25
N VAL A 120 -5.62 22.70 -1.12
CA VAL A 120 -5.29 21.60 -2.00
C VAL A 120 -6.55 20.76 -2.21
N SER A 121 -6.68 20.13 -3.38
CA SER A 121 -7.86 19.25 -3.64
C SER A 121 -7.43 17.77 -3.56
N GLN A 122 -8.39 16.91 -3.21
CA GLN A 122 -8.27 15.46 -3.43
C GLN A 122 -9.60 14.98 -3.95
N CYS A 123 -9.62 14.57 -5.23
CA CYS A 123 -10.86 14.15 -5.91
C CYS A 123 -11.13 12.65 -6.05
N GLU A 124 -10.13 11.82 -6.13
CA GLU A 124 -10.37 10.34 -6.27
C GLU A 124 -10.86 9.78 -4.89
N ALA A 125 -11.94 9.00 -4.85
CA ALA A 125 -12.77 8.65 -6.03
C ALA A 125 -13.96 9.60 -6.16
N THR A 126 -14.49 10.12 -5.04
CA THR A 126 -15.78 10.85 -5.10
C THR A 126 -15.65 12.25 -4.51
N GLY A 127 -14.47 12.89 -4.70
CA GLY A 127 -14.27 14.15 -4.05
C GLY A 127 -14.61 15.34 -4.95
N PHE A 128 -14.67 15.13 -6.27
CA PHE A 128 -14.93 16.31 -7.15
C PHE A 128 -16.36 16.88 -6.87
N ARG A 129 -17.30 16.03 -6.56
CA ARG A 129 -18.67 16.46 -6.26
C ARG A 129 -18.73 17.24 -4.91
N ARG A 130 -17.64 17.31 -4.12
CA ARG A 130 -17.59 18.17 -2.90
C ARG A 130 -17.10 19.59 -3.23
N ILE A 131 -16.73 19.76 -4.50
CA ILE A 131 -16.23 21.05 -5.00
C ILE A 131 -17.29 21.77 -5.85
N THR A 132 -17.91 21.05 -6.77
CA THR A 132 -19.00 21.58 -7.59
C THR A 132 -19.88 20.47 -8.15
N PHE A 133 -21.05 20.83 -8.75
CA PHE A 133 -21.92 19.80 -9.36
C PHE A 133 -21.31 19.04 -10.53
N PHE A 134 -21.49 17.71 -10.56
CA PHE A 134 -20.98 16.95 -11.72
C PHE A 134 -21.62 15.57 -11.82
N ILE A 135 -21.48 14.91 -12.97
CA ILE A 135 -21.86 13.49 -13.03
C ILE A 135 -20.53 12.80 -12.73
N ASP A 136 -20.32 12.57 -11.44
CA ASP A 136 -18.95 12.34 -10.90
C ASP A 136 -18.62 10.85 -10.96
N ARG A 137 -18.26 10.42 -12.16
CA ARG A 137 -17.97 9.02 -12.50
C ARG A 137 -16.92 8.99 -13.60
N PRO A 138 -16.02 7.99 -13.56
CA PRO A 138 -14.79 8.15 -14.36
C PRO A 138 -14.99 8.07 -15.89
N ASP A 139 -16.17 7.67 -16.36
CA ASP A 139 -16.39 7.57 -17.81
C ASP A 139 -16.88 8.91 -18.39
N MET A 140 -17.17 9.88 -17.51
CA MET A 140 -17.57 11.21 -18.02
C MET A 140 -16.33 12.07 -18.36
N MET A 141 -15.85 12.02 -19.62
CA MET A 141 -14.65 12.69 -20.04
C MET A 141 -14.90 14.13 -20.49
N ALA A 142 -14.09 15.10 -20.12
CA ALA A 142 -14.37 16.49 -20.49
C ALA A 142 -13.08 17.29 -20.60
N LYS A 143 -13.14 18.46 -21.27
CA LYS A 143 -12.09 19.43 -21.28
C LYS A 143 -12.25 20.41 -20.10
N TYR A 144 -11.14 20.93 -19.58
CA TYR A 144 -11.20 21.75 -18.38
C TYR A 144 -10.47 23.07 -18.66
N ASP A 145 -11.11 24.16 -18.28
CA ASP A 145 -10.53 25.49 -18.34
C ASP A 145 -10.76 26.09 -16.97
N VAL A 146 -9.70 26.28 -16.22
CA VAL A 146 -9.79 26.55 -14.78
C VAL A 146 -9.10 27.84 -14.35
N THR A 147 -9.86 28.71 -13.72
CA THR A 147 -9.29 29.95 -13.17
C THR A 147 -9.29 29.92 -11.63
N VAL A 148 -8.17 30.25 -11.01
CA VAL A 148 -8.12 30.34 -9.57
C VAL A 148 -7.75 31.76 -9.14
N THR A 149 -8.45 32.31 -8.15
CA THR A 149 -8.05 33.62 -7.55
C THR A 149 -7.94 33.50 -6.03
N ALA A 150 -7.07 34.31 -5.44
CA ALA A 150 -6.76 34.23 -4.01
C ALA A 150 -5.97 35.47 -3.61
N ASP A 151 -5.90 35.70 -2.30
CA ASP A 151 -4.94 36.63 -1.73
C ASP A 151 -3.51 36.31 -2.16
N LYS A 152 -2.80 37.28 -2.73
CA LYS A 152 -1.50 37.05 -3.33
C LYS A 152 -0.36 36.87 -2.31
N GLU A 153 -0.36 37.65 -1.20
CA GLU A 153 0.63 37.38 -0.13
C GLU A 153 0.45 35.99 0.55
N LYS A 154 -0.79 35.58 0.86
CA LYS A 154 -1.01 34.19 1.41
C LYS A 154 -0.84 33.06 0.37
N TYR A 155 -1.30 33.31 -0.88
CA TYR A 155 -1.30 32.30 -1.99
C TYR A 155 -0.65 32.72 -3.32
N PRO A 156 0.69 33.00 -3.31
CA PRO A 156 1.49 33.45 -4.44
C PRO A 156 1.56 32.41 -5.55
N VAL A 157 1.47 31.10 -5.21
CA VAL A 157 1.69 29.97 -6.18
C VAL A 157 0.35 29.29 -6.37
N LEU A 158 -0.14 29.39 -7.61
CA LEU A 158 -1.43 28.86 -8.01
C LEU A 158 -1.13 27.81 -9.07
N LEU A 159 -1.62 26.58 -8.87
CA LEU A 159 -1.45 25.48 -9.85
C LEU A 159 -2.78 24.73 -10.14
N SER A 160 -2.96 24.27 -11.38
CA SER A 160 -4.02 23.36 -11.71
C SER A 160 -3.52 22.60 -12.91
N ASN A 161 -4.33 21.74 -13.50
CA ASN A 161 -3.83 20.93 -14.63
C ASN A 161 -3.62 21.79 -15.88
N GLY A 162 -2.70 21.39 -16.74
CA GLY A 162 -2.61 21.96 -18.10
C GLY A 162 -1.63 23.08 -18.16
N ASP A 163 -1.79 23.93 -19.15
CA ASP A 163 -0.91 25.12 -19.31
C ASP A 163 -1.45 26.32 -18.52
N LYS A 164 -0.56 27.06 -17.87
CA LYS A 164 -0.97 28.29 -17.27
C LYS A 164 -1.05 29.29 -18.45
N VAL A 165 -2.23 29.82 -18.76
CA VAL A 165 -2.35 30.65 -19.98
C VAL A 165 -2.49 32.14 -19.66
N ASN A 166 -2.83 32.49 -18.40
CA ASN A 166 -2.94 33.92 -18.03
C ASN A 166 -2.70 34.07 -16.54
N GLU A 167 -2.10 35.20 -16.16
CA GLU A 167 -1.84 35.59 -14.76
C GLU A 167 -2.32 37.05 -14.66
N PHE A 168 -3.00 37.42 -13.60
CA PHE A 168 -3.58 38.75 -13.55
C PHE A 168 -3.76 39.25 -12.14
N GLU A 169 -3.65 40.57 -11.97
CA GLU A 169 -3.85 41.22 -10.69
C GLU A 169 -5.33 41.51 -10.48
N ILE A 170 -5.76 41.52 -9.20
CA ILE A 170 -7.13 41.77 -8.82
C ILE A 170 -7.11 42.79 -7.67
N PRO A 171 -8.05 43.77 -7.69
CA PRO A 171 -8.07 44.81 -6.65
C PRO A 171 -8.30 44.19 -5.33
N GLY A 172 -7.69 44.82 -4.31
CA GLY A 172 -7.76 44.33 -2.94
C GLY A 172 -6.67 43.32 -2.58
N GLY A 173 -5.53 43.37 -3.25
CA GLY A 173 -4.41 42.51 -2.89
C GLY A 173 -4.53 41.06 -3.41
N ARG A 174 -5.41 40.81 -4.38
CA ARG A 174 -5.66 39.45 -4.91
C ARG A 174 -4.95 39.24 -6.27
N HIS A 175 -4.87 37.99 -6.74
CA HIS A 175 -4.39 37.73 -8.11
C HIS A 175 -5.05 36.45 -8.59
N GLY A 176 -4.91 36.19 -9.89
CA GLY A 176 -5.63 35.10 -10.54
C GLY A 176 -4.65 34.42 -11.48
N ALA A 177 -4.96 33.18 -11.81
CA ALA A 177 -4.25 32.45 -12.88
C ALA A 177 -5.27 31.54 -13.54
N ARG A 178 -5.25 31.51 -14.86
CA ARG A 178 -6.04 30.64 -15.68
C ARG A 178 -5.18 29.48 -16.26
N PHE A 179 -5.74 28.28 -16.20
CA PHE A 179 -5.07 27.07 -16.69
C PHE A 179 -5.98 26.35 -17.67
N ASN A 180 -5.50 26.07 -18.88
CA ASN A 180 -6.36 25.42 -19.82
C ASN A 180 -5.76 24.08 -20.11
N ASP A 181 -6.61 23.06 -20.05
CA ASP A 181 -6.19 21.66 -20.22
C ASP A 181 -7.07 21.02 -21.29
N PRO A 182 -6.72 21.24 -22.57
CA PRO A 182 -7.65 20.73 -23.62
C PRO A 182 -7.85 19.18 -23.75
N PRO A 183 -6.84 18.34 -23.50
CA PRO A 183 -7.14 16.90 -23.61
C PRO A 183 -8.19 16.38 -22.61
N LEU A 184 -9.06 15.48 -23.07
CA LEU A 184 -10.13 14.98 -22.23
C LEU A 184 -9.57 14.33 -20.94
N LYS A 185 -10.24 14.49 -19.80
CA LYS A 185 -9.92 13.64 -18.62
C LYS A 185 -11.16 13.37 -17.78
N PRO A 186 -11.08 12.34 -16.88
CA PRO A 186 -12.17 12.19 -15.93
C PRO A 186 -12.00 13.21 -14.79
N CYS A 187 -13.07 13.52 -14.07
CA CYS A 187 -13.02 14.61 -13.11
C CYS A 187 -12.18 14.25 -11.86
N TYR A 188 -11.99 12.94 -11.59
CA TYR A 188 -11.19 12.60 -10.42
C TYR A 188 -9.70 12.95 -10.60
N LEU A 189 -9.27 13.25 -11.84
CA LEU A 189 -7.89 13.66 -12.12
C LEU A 189 -7.74 15.22 -12.12
N PHE A 190 -8.82 15.95 -11.93
CA PHE A 190 -8.68 17.39 -11.68
C PHE A 190 -7.95 17.64 -10.38
N ALA A 191 -7.06 18.65 -10.37
CA ALA A 191 -6.55 19.17 -9.10
C ALA A 191 -6.30 20.69 -9.12
N VAL A 192 -6.25 21.28 -7.94
CA VAL A 192 -5.84 22.70 -7.80
C VAL A 192 -5.00 22.76 -6.53
N VAL A 193 -3.99 23.63 -6.50
CA VAL A 193 -3.14 23.89 -5.36
C VAL A 193 -2.89 25.41 -5.29
N ALA A 194 -2.93 25.97 -4.08
CA ALA A 194 -2.68 27.40 -3.86
C ALA A 194 -1.86 27.50 -2.56
N GLY A 195 -0.74 28.20 -2.58
CA GLY A 195 0.05 28.32 -1.37
C GLY A 195 1.30 29.14 -1.54
N ASP A 196 2.01 29.34 -0.44
CA ASP A 196 3.32 29.99 -0.53
C ASP A 196 4.36 28.89 -0.68
N LEU A 197 4.41 28.31 -1.88
CA LEU A 197 5.20 27.09 -2.11
C LEU A 197 6.59 27.43 -2.63
N LYS A 198 7.64 26.71 -2.18
CA LYS A 198 8.99 26.84 -2.75
C LYS A 198 9.35 25.58 -3.54
N HIS A 199 10.31 25.67 -4.45
CA HIS A 199 10.52 24.51 -5.32
C HIS A 199 11.98 24.24 -5.67
N LEU A 200 12.23 23.01 -6.12
CA LEU A 200 13.43 22.63 -6.87
C LEU A 200 12.96 22.24 -8.26
N SER A 201 13.80 22.39 -9.28
CA SER A 201 13.34 21.99 -10.61
C SER A 201 14.51 21.49 -11.42
N ALA A 202 14.19 20.73 -12.47
CA ALA A 202 15.16 20.20 -13.44
C ALA A 202 14.47 20.03 -14.80
N THR A 203 15.24 19.89 -15.87
CA THR A 203 14.67 19.65 -17.16
C THR A 203 15.08 18.23 -17.52
N TYR A 204 14.15 17.43 -18.01
CA TYR A 204 14.44 16.07 -18.44
C TYR A 204 14.26 16.02 -19.96
N ILE A 205 15.14 15.32 -20.71
CA ILE A 205 14.94 15.22 -22.15
C ILE A 205 14.47 13.82 -22.54
N THR A 206 13.29 13.63 -23.15
CA THR A 206 12.76 12.24 -23.35
C THR A 206 13.69 11.44 -24.29
N LYS A 207 13.62 10.12 -24.23
CA LYS A 207 14.57 9.24 -24.90
C LYS A 207 14.45 9.24 -26.42
N TYR A 208 13.22 9.28 -26.93
CA TYR A 208 12.93 9.11 -28.36
C TYR A 208 12.52 10.36 -29.17
N THR A 209 11.65 11.20 -28.63
CA THR A 209 11.21 12.41 -29.32
C THR A 209 12.08 13.57 -28.92
N LYS A 210 12.93 13.38 -27.90
CA LYS A 210 13.85 14.42 -27.43
C LYS A 210 13.10 15.65 -26.92
N LYS A 211 11.87 15.47 -26.42
CA LYS A 211 11.10 16.61 -25.81
C LYS A 211 11.66 17.09 -24.45
N LYS A 212 11.75 18.40 -24.24
CA LYS A 212 12.14 18.94 -22.93
C LYS A 212 10.90 18.86 -22.06
N VAL A 213 11.09 18.26 -20.88
CA VAL A 213 10.01 18.21 -19.88
C VAL A 213 10.51 18.96 -18.67
N GLU A 214 9.75 19.93 -18.15
CA GLU A 214 10.21 20.64 -16.94
C GLU A 214 9.62 19.88 -15.75
N LEU A 215 10.44 19.56 -14.74
CA LEU A 215 10.00 18.92 -13.48
C LEU A 215 10.09 19.89 -12.34
N TYR A 216 8.98 20.13 -11.63
CA TYR A 216 8.96 20.95 -10.44
C TYR A 216 8.55 20.07 -9.28
N VAL A 217 9.24 20.17 -8.16
CA VAL A 217 8.80 19.59 -6.90
C VAL A 217 8.61 20.72 -5.85
N PHE A 218 7.47 20.74 -5.14
CA PHE A 218 7.07 21.92 -4.30
C PHE A 218 6.86 21.46 -2.85
N SER A 219 7.18 22.33 -1.88
CA SER A 219 6.77 22.14 -0.50
C SER A 219 6.66 23.52 0.15
N GLU A 220 6.12 23.59 1.35
CA GLU A 220 6.29 24.82 2.14
C GLU A 220 7.77 25.16 2.30
N GLU A 221 8.01 26.43 2.59
CA GLU A 221 9.36 26.96 2.66
C GLU A 221 10.27 26.24 3.63
N LYS A 222 9.76 25.87 4.82
CA LYS A 222 10.62 25.28 5.85
C LYS A 222 11.28 23.97 5.39
N TYR A 223 10.63 23.25 4.49
CA TYR A 223 11.12 21.90 4.12
C TYR A 223 11.67 21.76 2.68
N VAL A 224 11.81 22.90 1.97
CA VAL A 224 12.26 22.87 0.57
C VAL A 224 13.56 22.07 0.35
N SER A 225 14.42 22.05 1.35
CA SER A 225 15.68 21.31 1.28
C SER A 225 15.54 19.78 1.37
N LYS A 226 14.32 19.31 1.54
CA LYS A 226 14.07 17.86 1.62
C LYS A 226 13.47 17.33 0.35
N LEU A 227 13.47 18.15 -0.71
CA LEU A 227 12.84 17.78 -1.97
C LEU A 227 13.82 17.10 -2.93
N GLN A 228 15.13 17.07 -2.64
CA GLN A 228 16.04 16.65 -3.72
C GLN A 228 15.88 15.17 -4.09
N TRP A 229 15.70 14.29 -3.11
CA TRP A 229 15.61 12.86 -3.47
C TRP A 229 14.38 12.60 -4.34
N ALA A 230 13.25 13.24 -4.01
CA ALA A 230 12.06 13.09 -4.81
C ALA A 230 12.33 13.46 -6.29
N LEU A 231 13.09 14.56 -6.53
CA LEU A 231 13.38 14.93 -7.93
C LEU A 231 14.23 13.83 -8.57
N GLU A 232 15.20 13.30 -7.86
CA GLU A 232 15.99 12.17 -8.42
C GLU A 232 15.13 10.97 -8.72
N CYS A 233 14.18 10.65 -7.81
CA CYS A 233 13.26 9.51 -8.05
C CYS A 233 12.37 9.71 -9.31
N LEU A 234 11.92 10.94 -9.57
CA LEU A 234 11.07 11.24 -10.69
C LEU A 234 11.85 11.00 -11.97
N LYS A 235 13.10 11.51 -12.04
CA LYS A 235 14.00 11.20 -13.24
C LYS A 235 14.15 9.70 -13.47
N LYS A 236 14.40 8.98 -12.37
CA LYS A 236 14.57 7.52 -12.38
C LYS A 236 13.32 6.85 -12.95
N SER A 237 12.16 7.36 -12.50
CA SER A 237 10.90 6.79 -12.87
CA SER A 237 10.86 6.80 -12.88
C SER A 237 10.63 7.01 -14.36
N MET A 238 10.95 8.21 -14.86
CA MET A 238 10.73 8.49 -16.30
C MET A 238 11.64 7.60 -17.19
N ALA A 239 12.88 7.42 -16.74
CA ALA A 239 13.89 6.61 -17.45
C ALA A 239 13.48 5.16 -17.51
N PHE A 240 12.97 4.64 -16.39
CA PHE A 240 12.56 3.24 -16.33
C PHE A 240 11.38 3.02 -17.27
N ASP A 241 10.38 3.90 -17.27
CA ASP A 241 9.23 3.65 -18.17
C ASP A 241 9.75 3.71 -19.62
N GLU A 242 10.80 4.51 -19.81
CA GLU A 242 11.39 4.61 -21.17
C GLU A 242 12.08 3.31 -21.52
N ASP A 243 12.97 2.86 -20.64
CA ASP A 243 13.84 1.72 -20.88
C ASP A 243 13.10 0.39 -20.90
N TYR A 244 12.24 0.13 -19.90
CA TYR A 244 11.55 -1.15 -19.83
C TYR A 244 10.34 -1.19 -20.78
N PHE A 245 9.53 -0.14 -20.79
CA PHE A 245 8.28 -0.16 -21.55
C PHE A 245 8.26 0.63 -22.87
N GLY A 246 9.30 1.43 -23.07
CA GLY A 246 9.43 2.25 -24.30
C GLY A 246 8.46 3.43 -24.26
N LEU A 247 8.10 3.88 -23.06
CA LEU A 247 7.05 4.87 -22.91
C LEU A 247 7.61 6.21 -22.44
N GLU A 248 7.32 7.29 -23.16
CA GLU A 248 7.80 8.63 -22.81
C GLU A 248 6.69 9.44 -22.24
N TYR A 249 7.01 10.42 -21.38
CA TYR A 249 6.00 11.41 -20.92
C TYR A 249 5.54 12.31 -22.09
N ASP A 250 4.23 12.63 -22.12
CA ASP A 250 3.61 13.31 -23.27
C ASP A 250 3.49 14.82 -23.01
N LEU A 251 3.73 15.26 -21.79
CA LEU A 251 3.35 16.70 -21.47
C LEU A 251 4.58 17.57 -21.27
N SER A 252 4.41 18.90 -21.24
CA SER A 252 5.61 19.72 -21.22
C SER A 252 6.13 19.95 -19.79
N ARG A 253 5.33 19.60 -18.78
CA ARG A 253 5.71 19.87 -17.39
C ARG A 253 5.06 18.78 -16.49
N LEU A 254 5.73 18.42 -15.42
CA LEU A 254 5.17 17.63 -14.32
C LEU A 254 5.53 18.26 -12.95
N ASN A 255 4.50 18.60 -12.15
CA ASN A 255 4.61 19.15 -10.86
C ASN A 255 4.32 18.03 -9.79
N LEU A 256 5.15 18.01 -8.74
CA LEU A 256 4.94 17.19 -7.54
C LEU A 256 4.77 18.15 -6.39
N VAL A 257 3.76 17.95 -5.56
CA VAL A 257 3.56 18.89 -4.43
C VAL A 257 3.37 18.11 -3.10
N ALA A 258 4.15 18.45 -2.05
CA ALA A 258 4.03 17.88 -0.68
C ALA A 258 3.03 18.68 0.15
N VAL A 259 2.07 18.02 0.80
CA VAL A 259 1.17 18.66 1.80
C VAL A 259 1.25 17.81 3.11
N SER A 260 1.04 18.49 4.22
CA SER A 260 1.16 17.84 5.52
C SER A 260 -0.01 16.93 5.90
N ASP A 261 -1.21 17.25 5.41
CA ASP A 261 -2.41 16.53 5.83
C ASP A 261 -2.93 15.77 4.60
N PHE A 262 -2.81 14.42 4.60
CA PHE A 262 -3.26 13.65 3.42
C PHE A 262 -3.70 12.25 3.85
N ASN A 263 -4.77 11.70 3.23
CA ASN A 263 -5.30 10.44 3.78
C ASN A 263 -4.47 9.21 3.43
N VAL A 264 -3.87 9.18 2.24
CA VAL A 264 -3.02 8.04 1.82
C VAL A 264 -1.61 8.54 1.50
N GLY A 265 -0.95 7.92 0.53
CA GLY A 265 0.46 8.29 0.17
C GLY A 265 0.51 9.46 -0.83
N ALA A 266 -0.24 9.33 -1.93
CA ALA A 266 -0.21 10.40 -2.98
C ALA A 266 -1.33 10.18 -4.00
N MET A 267 -1.37 10.99 -5.08
CA MET A 267 -2.48 10.97 -6.02
C MET A 267 -1.97 11.48 -7.34
N GLU A 268 -2.34 10.78 -8.43
CA GLU A 268 -1.80 11.01 -9.77
C GLU A 268 -2.55 12.06 -10.66
N ASN A 269 -3.01 13.15 -10.07
CA ASN A 269 -3.75 14.17 -10.91
C ASN A 269 -2.89 14.55 -12.08
N LYS A 270 -3.47 14.68 -13.26
CA LYS A 270 -2.69 14.78 -14.49
C LYS A 270 -1.75 16.01 -14.53
N GLY A 271 -0.43 15.77 -14.56
CA GLY A 271 0.57 16.84 -14.52
C GLY A 271 0.80 17.53 -13.18
N LEU A 272 0.02 17.12 -12.15
CA LEU A 272 -0.03 17.81 -10.86
C LEU A 272 -0.20 16.75 -9.72
N ASN A 273 0.84 15.97 -9.45
CA ASN A 273 0.72 14.87 -8.52
C ASN A 273 0.88 15.43 -7.13
N ILE A 274 0.00 15.07 -6.22
CA ILE A 274 0.04 15.61 -4.86
C ILE A 274 0.34 14.47 -3.86
N PHE A 275 1.19 14.74 -2.87
CA PHE A 275 1.71 13.71 -1.98
C PHE A 275 1.52 14.08 -0.52
N ASN A 276 1.31 13.03 0.27
CA ASN A 276 1.58 13.12 1.66
C ASN A 276 3.06 13.53 1.81
N ALA A 277 3.33 14.57 2.62
CA ALA A 277 4.74 14.99 2.87
C ALA A 277 5.62 13.79 3.31
N ASN A 278 5.05 12.82 4.06
CA ASN A 278 5.93 11.65 4.45
C ASN A 278 6.31 10.74 3.28
N SER A 279 5.72 10.96 2.10
CA SER A 279 6.08 10.15 0.94
C SER A 279 6.78 10.93 -0.16
N LEU A 280 7.17 12.16 0.19
CA LEU A 280 7.88 13.05 -0.78
C LEU A 280 9.17 13.64 -0.21
N LEU A 281 9.19 14.03 1.06
CA LEU A 281 10.33 14.73 1.65
C LEU A 281 11.24 13.84 2.46
N ALA A 282 12.54 13.98 2.26
CA ALA A 282 13.50 13.36 3.16
C ALA A 282 14.81 14.13 3.20
N SER A 283 15.55 14.01 4.30
CA SER A 283 16.99 14.35 4.32
C SER A 283 17.75 13.31 5.19
N LYS A 284 19.08 13.23 5.03
CA LYS A 284 19.85 12.23 5.78
C LYS A 284 19.79 12.60 7.28
N LYS A 285 19.70 13.88 7.60
CA LYS A 285 19.71 14.31 8.96
C LYS A 285 18.39 14.10 9.66
N ASN A 286 17.32 14.28 8.90
CA ASN A 286 16.01 14.34 9.54
C ASN A 286 15.03 13.25 9.09
N SER A 287 15.54 12.17 8.46
CA SER A 287 14.62 11.07 8.10
C SER A 287 15.23 9.72 8.42
N ILE A 288 14.40 8.74 8.77
CA ILE A 288 14.92 7.41 8.88
C ILE A 288 15.15 6.83 7.48
N ASP A 289 15.89 5.72 7.42
CA ASP A 289 16.22 5.10 6.15
C ASP A 289 14.99 4.73 5.33
N PHE A 290 13.97 4.19 5.99
CA PHE A 290 12.74 3.74 5.29
C PHE A 290 12.15 4.82 4.36
N SER A 291 12.24 6.09 4.74
CA SER A 291 11.78 7.18 3.89
C SER A 291 12.34 7.16 2.44
N TYR A 292 13.60 6.75 2.25
CA TYR A 292 14.21 6.71 0.93
C TYR A 292 13.49 5.73 -0.03
N ALA A 293 13.32 4.48 0.41
CA ALA A 293 12.55 3.52 -0.42
C ALA A 293 11.10 3.96 -0.58
N ARG A 294 10.52 4.51 0.48
CA ARG A 294 9.09 4.92 0.42
C ARG A 294 8.86 6.00 -0.64
N ILE A 295 9.74 6.99 -0.67
CA ILE A 295 9.62 8.10 -1.68
C ILE A 295 9.85 7.54 -3.08
N LEU A 296 10.87 6.69 -3.26
CA LEU A 296 11.14 6.11 -4.58
C LEU A 296 9.89 5.39 -5.11
N THR A 297 9.28 4.60 -4.22
CA THR A 297 8.13 3.82 -4.54
C THR A 297 6.87 4.66 -4.80
N VAL A 298 6.66 5.72 -4.01
CA VAL A 298 5.42 6.49 -4.28
C VAL A 298 5.57 7.45 -5.42
N VAL A 299 6.74 8.10 -5.53
CA VAL A 299 6.98 8.87 -6.80
C VAL A 299 6.88 8.00 -8.02
N GLY A 300 7.51 6.82 -7.96
CA GLY A 300 7.40 5.90 -9.09
C GLY A 300 5.94 5.54 -9.39
N HIS A 301 5.19 5.14 -8.37
CA HIS A 301 3.81 4.72 -8.57
C HIS A 301 2.94 5.83 -9.24
N GLU A 302 3.02 7.04 -8.71
CA GLU A 302 2.25 8.14 -9.34
C GLU A 302 2.70 8.46 -10.78
N TYR A 303 4.01 8.39 -11.04
CA TYR A 303 4.51 8.57 -12.44
C TYR A 303 3.96 7.49 -13.36
N PHE A 304 3.98 6.23 -12.91
CA PHE A 304 3.51 5.17 -13.77
C PHE A 304 1.98 5.23 -14.06
N HIS A 305 1.21 5.85 -13.16
CA HIS A 305 -0.21 6.04 -13.40
C HIS A 305 -0.38 6.90 -14.65
N GLN A 306 0.61 7.68 -15.02
CA GLN A 306 0.32 8.59 -16.16
C GLN A 306 -0.13 7.74 -17.39
N TYR A 307 0.49 6.57 -17.61
CA TYR A 307 -0.04 5.61 -18.58
C TYR A 307 -1.16 4.75 -18.09
N THR A 308 -0.90 4.05 -16.96
CA THR A 308 -1.83 3.04 -16.40
C THR A 308 -2.74 3.71 -15.38
N GLY A 309 -3.61 4.55 -15.92
CA GLY A 309 -4.63 5.23 -15.14
C GLY A 309 -5.04 6.54 -15.86
N ASN A 310 -4.04 7.24 -16.44
CA ASN A 310 -4.35 8.59 -16.97
C ASN A 310 -4.53 8.65 -18.47
N ARG A 311 -3.89 7.74 -19.19
CA ARG A 311 -3.95 7.71 -20.70
C ARG A 311 -4.79 6.52 -21.10
N VAL A 312 -4.56 5.38 -20.44
CA VAL A 312 -5.55 4.28 -20.55
C VAL A 312 -6.34 4.38 -19.26
N THR A 313 -7.61 4.71 -19.43
CA THR A 313 -8.48 5.07 -18.33
C THR A 313 -9.52 3.98 -17.94
N LEU A 314 -10.16 4.06 -16.76
CA LEU A 314 -11.19 3.10 -16.34
C LEU A 314 -12.60 3.46 -16.83
N ARG A 315 -13.32 2.46 -17.28
CA ARG A 315 -14.71 2.59 -17.63
C ARG A 315 -15.56 2.90 -16.39
N ASP A 316 -15.29 2.22 -15.30
CA ASP A 316 -16.14 2.32 -14.10
C ASP A 316 -15.23 1.83 -12.96
N TRP A 317 -15.66 2.03 -11.72
CA TRP A 317 -14.77 1.79 -10.57
C TRP A 317 -14.57 0.33 -10.27
N PHE A 318 -15.40 -0.56 -10.80
CA PHE A 318 -15.17 -2.01 -10.61
C PHE A 318 -13.94 -2.47 -11.32
N GLN A 319 -13.40 -1.66 -12.23
CA GLN A 319 -12.18 -2.04 -12.95
C GLN A 319 -10.93 -1.50 -12.19
N LEU A 320 -11.06 -1.06 -10.92
CA LEU A 320 -10.03 -0.33 -10.25
C LEU A 320 -8.64 -1.07 -10.28
N THR A 321 -8.69 -2.37 -10.08
CA THR A 321 -7.45 -3.16 -10.12
C THR A 321 -6.63 -3.05 -11.45
N LEU A 322 -7.31 -2.82 -12.58
CA LEU A 322 -6.64 -2.62 -13.83
C LEU A 322 -5.71 -1.37 -13.78
N LYS A 323 -6.06 -0.33 -13.01
CA LYS A 323 -5.06 0.76 -12.84
C LYS A 323 -4.28 0.58 -11.59
N GLU A 324 -4.89 0.09 -10.51
CA GLU A 324 -4.04 0.04 -9.28
C GLU A 324 -3.16 -1.19 -9.25
N GLY A 325 -3.71 -2.33 -9.56
CA GLY A 325 -2.88 -3.57 -9.54
C GLY A 325 -1.77 -3.49 -10.58
N LEU A 326 -2.07 -2.95 -11.76
CA LEU A 326 -1.06 -2.84 -12.77
C LEU A 326 0.03 -1.80 -12.39
N THR A 327 -0.40 -0.68 -11.82
CA THR A 327 0.55 0.36 -11.42
C THR A 327 1.45 -0.11 -10.27
N VAL A 328 0.86 -0.83 -9.30
CA VAL A 328 1.70 -1.38 -8.24
C VAL A 328 2.73 -2.39 -8.83
N HIS A 329 2.33 -3.20 -9.83
CA HIS A 329 3.26 -4.12 -10.53
C HIS A 329 4.40 -3.35 -11.19
N ARG A 330 4.04 -2.26 -11.89
CA ARG A 330 5.05 -1.43 -12.52
C ARG A 330 5.96 -0.79 -11.48
N GLU A 331 5.38 -0.29 -10.42
CA GLU A 331 6.12 0.29 -9.27
C GLU A 331 7.11 -0.73 -8.66
N ASN A 332 6.63 -1.96 -8.42
CA ASN A 332 7.50 -3.01 -7.87
C ASN A 332 8.59 -3.39 -8.83
N LEU A 333 8.36 -3.50 -10.16
CA LEU A 333 9.47 -3.83 -11.09
C LEU A 333 10.54 -2.69 -11.00
N PHE A 334 10.06 -1.45 -10.99
CA PHE A 334 10.97 -0.27 -10.94
C PHE A 334 11.80 -0.31 -9.60
N SER A 335 11.13 -0.52 -8.45
CA SER A 335 11.85 -0.55 -7.18
C SER A 335 12.87 -1.66 -7.16
N GLU A 336 12.47 -2.87 -7.60
CA GLU A 336 13.46 -3.95 -7.69
C GLU A 336 14.71 -3.56 -8.52
N GLU A 337 14.51 -2.93 -9.69
CA GLU A 337 15.61 -2.54 -10.57
C GLU A 337 16.40 -1.41 -9.95
N MET A 338 15.76 -0.50 -9.22
CA MET A 338 16.57 0.66 -8.68
C MET A 338 17.32 0.31 -7.44
N THR A 339 16.74 -0.53 -6.55
CA THR A 339 17.44 -0.84 -5.26
C THR A 339 18.51 -1.95 -5.44
N LYS A 340 18.30 -2.81 -6.43
CA LYS A 340 19.17 -3.99 -6.72
C LYS A 340 19.39 -4.85 -5.48
N THR A 341 18.47 -4.89 -4.55
CA THR A 341 18.64 -5.73 -3.37
C THR A 341 17.59 -6.86 -3.37
N VAL A 342 17.91 -8.09 -2.95
CA VAL A 342 16.84 -9.14 -2.97
C VAL A 342 15.70 -8.84 -1.99
N THR A 343 15.99 -8.11 -0.91
CA THR A 343 14.96 -7.86 0.10
C THR A 343 13.79 -6.97 -0.43
N THR A 344 13.93 -6.32 -1.59
CA THR A 344 12.83 -5.52 -2.11
C THR A 344 11.65 -6.45 -2.45
N ARG A 345 11.91 -7.48 -3.24
CA ARG A 345 10.86 -8.47 -3.59
C ARG A 345 10.40 -9.17 -2.33
N LEU A 346 11.32 -9.56 -1.46
CA LEU A 346 10.89 -10.23 -0.20
C LEU A 346 9.96 -9.35 0.60
N SER A 347 10.23 -8.03 0.68
CA SER A 347 9.39 -7.16 1.45
C SER A 347 7.93 -7.09 0.83
N HIS A 348 7.79 -7.19 -0.50
CA HIS A 348 6.45 -7.21 -1.13
C HIS A 348 5.69 -8.52 -0.80
N VAL A 349 6.42 -9.63 -0.76
CA VAL A 349 5.83 -10.92 -0.41
C VAL A 349 5.39 -10.86 1.07
N ASP A 350 6.27 -10.37 1.93
CA ASP A 350 5.98 -10.25 3.37
C ASP A 350 4.70 -9.48 3.60
N LEU A 351 4.56 -8.35 2.88
CA LEU A 351 3.35 -7.54 2.94
C LEU A 351 2.10 -8.37 2.49
N LEU A 352 2.18 -9.01 1.35
CA LEU A 352 1.01 -9.76 0.83
C LEU A 352 0.57 -10.85 1.83
N ARG A 353 1.52 -11.67 2.25
CA ARG A 353 1.20 -12.86 3.10
C ARG A 353 0.85 -12.55 4.53
N SER A 354 1.18 -11.35 5.02
CA SER A 354 0.70 -10.89 6.33
C SER A 354 -0.67 -10.18 6.15
N VAL A 355 -0.67 -9.04 5.53
CA VAL A 355 -1.81 -8.16 5.55
C VAL A 355 -2.88 -8.62 4.56
N GLN A 356 -2.51 -8.99 3.32
CA GLN A 356 -3.57 -9.30 2.33
C GLN A 356 -4.11 -10.67 2.56
N PHE A 357 -3.29 -11.65 2.90
CA PHE A 357 -3.89 -12.97 3.22
C PHE A 357 -4.85 -12.88 4.42
N LEU A 358 -4.52 -12.10 5.43
CA LEU A 358 -5.46 -11.88 6.55
C LEU A 358 -6.81 -11.32 6.00
N GLU A 359 -6.75 -10.30 5.15
CA GLU A 359 -7.98 -9.77 4.59
C GLU A 359 -8.77 -10.86 3.84
N ASP A 360 -8.08 -11.67 3.05
CA ASP A 360 -8.71 -12.64 2.20
C ASP A 360 -9.37 -13.81 2.94
N SER A 361 -9.02 -14.02 4.20
CA SER A 361 -9.66 -15.01 5.09
C SER A 361 -10.62 -14.38 6.16
N SER A 362 -10.78 -13.03 6.08
CA SER A 362 -11.68 -12.27 6.97
C SER A 362 -13.08 -12.14 6.33
N PRO A 363 -14.07 -11.67 7.12
CA PRO A 363 -15.42 -11.43 6.61
C PRO A 363 -15.39 -10.36 5.50
N LEU A 364 -14.27 -9.67 5.34
CA LEU A 364 -14.15 -8.65 4.28
C LEU A 364 -13.60 -9.20 2.96
N SER A 365 -13.32 -10.52 2.91
CA SER A 365 -12.73 -11.14 1.67
C SER A 365 -13.50 -10.71 0.39
N HIS A 366 -12.76 -10.34 -0.65
CA HIS A 366 -13.36 -9.96 -1.96
C HIS A 366 -12.39 -10.32 -3.08
N PRO A 367 -12.89 -10.53 -4.32
CA PRO A 367 -11.90 -10.73 -5.39
C PRO A 367 -11.28 -9.36 -5.77
N ILE A 368 -10.28 -9.38 -6.64
CA ILE A 368 -9.60 -8.13 -7.02
C ILE A 368 -10.57 -7.26 -7.88
N ARG A 369 -11.53 -7.90 -8.52
CA ARG A 369 -12.64 -7.17 -9.17
C ARG A 369 -13.97 -7.55 -8.47
N PRO A 370 -14.36 -6.77 -7.45
CA PRO A 370 -15.58 -7.09 -6.70
C PRO A 370 -16.88 -6.93 -7.57
N GLU A 371 -17.94 -7.52 -7.10
CA GLU A 371 -19.22 -7.47 -7.86
C GLU A 371 -20.13 -6.35 -7.40
N SER A 372 -19.88 -5.80 -6.23
CA SER A 372 -20.70 -4.75 -5.64
C SER A 372 -19.86 -3.90 -4.72
N TYR A 373 -20.33 -2.69 -4.49
CA TYR A 373 -19.83 -1.90 -3.39
C TYR A 373 -20.93 -0.98 -2.85
N VAL A 374 -20.71 -0.47 -1.66
CA VAL A 374 -21.54 0.57 -1.06
C VAL A 374 -20.77 1.88 -0.97
N SER A 375 -19.53 1.81 -0.47
CA SER A 375 -18.67 2.96 -0.31
C SER A 375 -17.43 2.81 -1.22
N MET A 376 -17.31 3.66 -2.24
CA MET A 376 -16.12 3.68 -3.11
C MET A 376 -14.88 4.02 -2.33
N GLU A 377 -15.03 4.86 -1.32
CA GLU A 377 -13.85 5.24 -0.57
C GLU A 377 -13.27 4.03 0.24
N ASN A 378 -14.07 3.00 0.52
CA ASN A 378 -13.52 1.80 1.17
C ASN A 378 -13.06 0.72 0.20
N PHE A 379 -13.05 1.03 -1.11
CA PHE A 379 -12.77 -0.01 -2.15
C PHE A 379 -11.26 -0.15 -2.43
N TYR A 380 -10.41 0.74 -1.85
CA TYR A 380 -9.02 0.85 -2.22
C TYR A 380 -8.23 -0.03 -1.22
N THR A 381 -8.21 -1.33 -1.47
CA THR A 381 -7.81 -2.30 -0.44
C THR A 381 -6.50 -2.97 -0.82
N THR A 382 -5.85 -3.63 0.16
CA THR A 382 -4.66 -4.45 -0.14
C THR A 382 -4.97 -5.56 -1.16
N THR A 383 -6.21 -6.05 -1.15
CA THR A 383 -6.57 -7.06 -2.13
C THR A 383 -6.50 -6.45 -3.53
N VAL A 384 -7.18 -5.31 -3.75
CA VAL A 384 -7.22 -4.69 -5.09
C VAL A 384 -5.79 -4.29 -5.58
N TYR A 385 -5.01 -3.75 -4.63
CA TYR A 385 -3.65 -3.26 -4.93
C TYR A 385 -2.61 -4.36 -5.01
N ASP A 386 -2.45 -5.09 -3.90
CA ASP A 386 -1.28 -6.01 -3.78
C ASP A 386 -1.58 -7.40 -4.36
N LYS A 387 -2.78 -7.98 -4.10
CA LYS A 387 -3.05 -9.19 -4.86
C LYS A 387 -3.26 -8.83 -6.36
N GLY A 388 -3.89 -7.68 -6.63
CA GLY A 388 -4.00 -7.24 -8.04
C GLY A 388 -2.57 -7.20 -8.64
N SER A 389 -1.60 -6.66 -7.91
CA SER A 389 -0.21 -6.60 -8.43
CA SER A 389 -0.23 -6.59 -8.45
C SER A 389 0.38 -7.97 -8.68
N GLU A 390 0.13 -8.93 -7.76
CA GLU A 390 0.62 -10.30 -8.03
C GLU A 390 -0.05 -10.97 -9.22
N VAL A 391 -1.35 -10.70 -9.44
CA VAL A 391 -2.04 -11.17 -10.66
C VAL A 391 -1.45 -10.50 -11.93
N MET A 392 -1.21 -9.21 -11.88
CA MET A 392 -0.55 -8.59 -13.01
C MET A 392 0.89 -9.16 -13.24
N ARG A 393 1.62 -9.43 -12.15
CA ARG A 393 2.99 -9.98 -12.26
C ARG A 393 3.01 -11.44 -12.81
N MET A 394 1.97 -12.23 -12.50
CA MET A 394 1.91 -13.59 -13.05
C MET A 394 1.90 -13.59 -14.59
N TYR A 395 1.28 -12.56 -15.24
CA TYR A 395 1.40 -12.50 -16.72
C TYR A 395 2.85 -12.46 -17.18
N LEU A 396 3.68 -11.66 -16.48
CA LEU A 396 5.10 -11.56 -16.80
C LEU A 396 5.77 -12.96 -16.57
N THR A 397 5.47 -13.59 -15.45
CA THR A 397 6.05 -14.91 -15.19
C THR A 397 5.69 -15.96 -16.27
N ILE A 398 4.45 -15.98 -16.68
CA ILE A 398 3.96 -16.90 -17.71
C ILE A 398 4.55 -16.58 -19.06
N LEU A 399 4.67 -15.31 -19.41
CA LEU A 399 5.08 -14.95 -20.77
C LEU A 399 6.56 -14.82 -20.97
N GLY A 400 7.27 -14.51 -19.90
CA GLY A 400 8.62 -14.00 -20.00
C GLY A 400 8.70 -12.55 -20.50
N GLU A 401 9.86 -11.98 -20.33
CA GLU A 401 10.03 -10.55 -20.49
C GLU A 401 9.74 -10.09 -21.91
N GLU A 402 10.28 -10.78 -22.94
CA GLU A 402 10.04 -10.32 -24.33
C GLU A 402 8.57 -10.38 -24.70
N TYR A 403 7.88 -11.50 -24.44
CA TYR A 403 6.44 -11.57 -24.80
C TYR A 403 5.57 -10.71 -23.85
N TYR A 404 5.96 -10.58 -22.57
CA TYR A 404 5.19 -9.71 -21.66
C TYR A 404 5.18 -8.25 -22.26
N LYS A 405 6.36 -7.77 -22.62
CA LYS A 405 6.51 -6.45 -23.21
C LYS A 405 5.67 -6.32 -24.47
N LYS A 406 5.60 -7.34 -25.32
CA LYS A 406 4.80 -7.24 -26.54
C LYS A 406 3.36 -7.15 -26.19
N GLY A 407 2.91 -7.99 -25.23
CA GLY A 407 1.51 -7.90 -24.78
C GLY A 407 1.14 -6.56 -24.14
N PHE A 408 2.06 -6.05 -23.31
CA PHE A 408 1.77 -4.81 -22.63
C PHE A 408 1.66 -3.73 -23.71
N ASP A 409 2.57 -3.76 -24.69
CA ASP A 409 2.58 -2.70 -25.69
C ASP A 409 1.28 -2.80 -26.54
N ILE A 410 0.79 -4.04 -26.77
CA ILE A 410 -0.52 -4.25 -27.42
C ILE A 410 -1.65 -3.56 -26.64
N TYR A 411 -1.65 -3.74 -25.30
CA TYR A 411 -2.69 -3.11 -24.48
C TYR A 411 -2.59 -1.58 -24.59
N ILE A 412 -1.37 -1.07 -24.52
CA ILE A 412 -1.20 0.38 -24.52
C ILE A 412 -1.58 0.96 -25.92
N LYS A 413 -1.03 0.37 -26.98
CA LYS A 413 -1.32 0.86 -28.38
C LYS A 413 -2.82 0.85 -28.66
N LYS A 414 -3.51 -0.21 -28.22
CA LYS A 414 -4.90 -0.36 -28.60
C LYS A 414 -5.86 0.50 -27.76
N ASN A 415 -5.46 0.87 -26.52
CA ASN A 415 -6.37 1.51 -25.57
C ASN A 415 -5.95 2.91 -25.13
N ASP A 416 -4.78 3.35 -25.62
CA ASP A 416 -4.30 4.71 -25.31
C ASP A 416 -5.41 5.67 -25.79
N GLY A 417 -5.85 6.55 -24.88
CA GLY A 417 -6.87 7.57 -25.24
C GLY A 417 -8.31 7.11 -24.97
N ASN A 418 -8.48 5.91 -24.45
CA ASN A 418 -9.81 5.31 -24.28
C ASN A 418 -9.93 4.61 -22.91
N THR A 419 -11.15 4.27 -22.52
CA THR A 419 -11.42 3.56 -21.26
C THR A 419 -11.24 2.10 -21.56
N ALA A 420 -10.94 1.31 -20.54
CA ALA A 420 -10.68 -0.10 -20.72
C ALA A 420 -11.29 -0.92 -19.53
N THR A 421 -11.42 -2.22 -19.74
CA THR A 421 -11.88 -3.14 -18.66
C THR A 421 -10.80 -4.22 -18.46
N CYS A 422 -10.91 -5.03 -17.39
CA CYS A 422 -9.96 -6.12 -17.12
C CYS A 422 -9.84 -7.13 -18.30
N GLU A 423 -10.95 -7.37 -18.98
CA GLU A 423 -10.94 -8.21 -20.21
C GLU A 423 -10.00 -7.73 -21.32
N ASP A 424 -9.92 -6.41 -21.54
CA ASP A 424 -9.05 -5.82 -22.59
C ASP A 424 -7.60 -6.16 -22.26
N PHE A 425 -7.25 -6.06 -20.97
CA PHE A 425 -5.89 -6.41 -20.57
C PHE A 425 -5.63 -7.89 -20.79
N ASN A 426 -6.55 -8.74 -20.34
CA ASN A 426 -6.37 -10.17 -20.48
C ASN A 426 -6.29 -10.51 -21.98
N TYR A 427 -7.11 -9.82 -22.79
CA TYR A 427 -7.06 -10.02 -24.26
C TYR A 427 -5.66 -9.74 -24.83
N ALA A 428 -5.06 -8.62 -24.46
CA ALA A 428 -3.73 -8.27 -24.93
C ALA A 428 -2.63 -9.25 -24.49
N MET A 429 -2.69 -9.69 -23.23
CA MET A 429 -1.82 -10.75 -22.77
C MET A 429 -2.06 -12.05 -23.55
N GLU A 430 -3.31 -12.31 -23.86
CA GLU A 430 -3.62 -13.57 -24.60
C GLU A 430 -2.95 -13.58 -25.98
N GLN A 431 -2.98 -12.43 -26.67
CA GLN A 431 -2.41 -12.31 -28.00
C GLN A 431 -0.92 -12.67 -27.89
N ALA A 432 -0.23 -12.14 -26.86
CA ALA A 432 1.16 -12.51 -26.61
C ALA A 432 1.29 -14.00 -26.27
N TYR A 433 0.27 -14.56 -25.61
CA TYR A 433 0.32 -15.97 -25.17
C TYR A 433 0.23 -16.87 -26.43
N LYS A 434 -0.63 -16.50 -27.37
CA LYS A 434 -0.80 -17.23 -28.67
C LYS A 434 0.53 -17.20 -29.44
N MET A 435 1.13 -16.02 -29.56
CA MET A 435 2.47 -15.86 -30.16
C MET A 435 3.58 -16.69 -29.49
N LYS A 436 3.65 -16.67 -28.16
CA LYS A 436 4.61 -17.50 -27.39
C LYS A 436 4.41 -19.02 -27.60
N LYS A 437 3.16 -19.49 -27.51
CA LYS A 437 2.86 -20.92 -27.67
C LYS A 437 2.98 -21.32 -29.15
N ALA A 438 3.19 -20.32 -30.00
CA ALA A 438 3.03 -20.44 -31.44
C ALA A 438 1.82 -21.35 -31.71
N ASP A 439 0.67 -21.00 -31.14
CA ASP A 439 -0.57 -21.62 -31.59
C ASP A 439 -1.81 -20.81 -31.25
N ASN A 440 -2.46 -20.35 -32.33
CA ASN A 440 -3.57 -19.41 -32.22
C ASN A 440 -4.82 -19.93 -31.54
N SER A 441 -4.79 -21.18 -31.09
CA SER A 441 -5.93 -21.73 -30.38
C SER A 441 -5.73 -21.69 -28.86
N ALA A 442 -4.52 -21.30 -28.44
CA ALA A 442 -4.18 -21.16 -27.01
C ALA A 442 -4.94 -19.94 -26.49
N ASN A 443 -5.46 -20.08 -25.27
CA ASN A 443 -6.20 -18.99 -24.68
C ASN A 443 -5.98 -18.81 -23.17
N LEU A 444 -6.39 -17.65 -22.68
CA LEU A 444 -6.28 -17.30 -21.25
C LEU A 444 -7.64 -17.10 -20.61
N ASN A 445 -8.66 -17.81 -21.08
CA ASN A 445 -9.97 -17.64 -20.51
C ASN A 445 -10.05 -18.02 -19.01
N GLN A 446 -9.42 -19.14 -18.67
CA GLN A 446 -9.39 -19.61 -17.27
C GLN A 446 -8.67 -18.54 -16.40
N TYR A 447 -7.69 -17.82 -17.00
CA TYR A 447 -6.96 -16.72 -16.25
C TYR A 447 -7.92 -15.69 -15.58
N LEU A 448 -9.09 -15.41 -16.22
CA LEU A 448 -10.00 -14.38 -15.71
C LEU A 448 -10.54 -14.76 -14.36
N LEU A 449 -10.45 -16.05 -14.01
CA LEU A 449 -10.88 -16.46 -12.65
C LEU A 449 -10.06 -15.72 -11.57
N TRP A 450 -8.84 -15.30 -11.90
CA TRP A 450 -8.05 -14.51 -10.91
C TRP A 450 -8.70 -13.17 -10.59
N PHE A 451 -9.52 -12.68 -11.52
CA PHE A 451 -10.28 -11.43 -11.29
C PHE A 451 -11.53 -11.63 -10.50
N SER A 452 -12.17 -12.79 -10.64
CA SER A 452 -13.52 -12.93 -10.07
C SER A 452 -13.58 -13.77 -8.78
N GLN A 453 -12.60 -14.63 -8.61
CA GLN A 453 -12.62 -15.55 -7.47
C GLN A 453 -11.88 -14.96 -6.24
N SER A 454 -12.55 -14.91 -5.08
CA SER A 454 -11.94 -14.44 -3.82
C SER A 454 -11.27 -15.61 -3.04
N GLY A 455 -10.44 -15.26 -2.07
CA GLY A 455 -9.79 -16.29 -1.21
C GLY A 455 -8.38 -16.65 -1.73
N THR A 456 -7.52 -17.20 -0.84
CA THR A 456 -6.17 -17.54 -1.22
C THR A 456 -6.11 -19.02 -1.59
N PRO A 457 -5.64 -19.38 -2.81
CA PRO A 457 -5.49 -20.85 -3.05
C PRO A 457 -4.42 -21.45 -2.19
N HIS A 458 -4.63 -22.71 -1.84
CA HIS A 458 -3.60 -23.55 -1.19
C HIS A 458 -2.99 -24.52 -2.21
N VAL A 459 -1.67 -24.63 -2.26
CA VAL A 459 -1.03 -25.47 -3.26
C VAL A 459 -0.13 -26.43 -2.47
N SER A 460 -0.35 -27.74 -2.63
CA SER A 460 0.39 -28.70 -1.87
C SER A 460 1.03 -29.72 -2.82
N PHE A 461 2.04 -30.43 -2.28
CA PHE A 461 2.96 -31.23 -3.11
C PHE A 461 3.23 -32.59 -2.50
N LYS A 462 3.39 -33.58 -3.38
CA LYS A 462 4.05 -34.87 -2.97
C LYS A 462 5.06 -35.23 -4.06
N TYR A 463 6.05 -36.10 -3.75
CA TYR A 463 7.16 -36.29 -4.66
C TYR A 463 7.43 -37.76 -4.88
N ASN A 464 8.02 -38.12 -6.01
CA ASN A 464 8.46 -39.51 -6.14
C ASN A 464 9.80 -39.50 -6.90
N TYR A 465 10.78 -40.34 -6.49
CA TYR A 465 12.00 -40.49 -7.23
C TYR A 465 12.32 -41.96 -7.49
N ASP A 466 12.48 -42.33 -8.75
CA ASP A 466 12.98 -43.68 -9.07
C ASP A 466 14.49 -43.68 -9.46
N ALA A 467 15.35 -44.14 -8.54
CA ALA A 467 16.81 -44.09 -8.71
C ALA A 467 17.25 -44.88 -9.95
N GLU A 468 16.69 -46.07 -10.15
CA GLU A 468 16.99 -46.88 -11.37
C GLU A 468 16.59 -46.16 -12.63
N LYS A 469 15.40 -45.54 -12.66
CA LYS A 469 14.92 -44.88 -13.90
C LYS A 469 15.46 -43.45 -14.11
N LYS A 470 16.09 -42.90 -13.08
CA LYS A 470 16.45 -41.46 -13.10
C LYS A 470 15.26 -40.51 -13.39
N GLN A 471 14.13 -40.81 -12.74
CA GLN A 471 12.83 -40.17 -13.07
C GLN A 471 12.20 -39.61 -11.80
N TYR A 472 11.91 -38.32 -11.82
CA TYR A 472 11.44 -37.57 -10.64
C TYR A 472 10.05 -37.01 -10.98
N SER A 473 9.11 -37.09 -10.01
CA SER A 473 7.70 -36.67 -10.21
C SER A 473 7.32 -35.69 -9.10
N ILE A 474 6.71 -34.59 -9.53
CA ILE A 474 6.12 -33.64 -8.59
C ILE A 474 4.61 -33.69 -8.82
N HIS A 475 3.89 -34.14 -7.78
CA HIS A 475 2.44 -34.25 -7.72
CA HIS A 475 2.42 -34.18 -7.84
C HIS A 475 1.89 -32.98 -7.08
N VAL A 476 1.08 -32.20 -7.79
CA VAL A 476 0.63 -30.95 -7.23
C VAL A 476 -0.88 -30.95 -7.15
N ASN A 477 -1.40 -30.32 -6.08
CA ASN A 477 -2.82 -30.16 -5.80
C ASN A 477 -3.09 -28.69 -5.51
N GLN A 478 -4.25 -28.14 -5.96
CA GLN A 478 -4.68 -26.80 -5.54
C GLN A 478 -6.12 -26.90 -4.93
N TYR A 479 -6.42 -26.03 -3.99
CA TYR A 479 -7.72 -25.99 -3.30
C TYR A 479 -7.94 -24.53 -2.88
N THR A 480 -9.14 -23.97 -3.08
CA THR A 480 -9.45 -22.67 -2.42
C THR A 480 -10.69 -22.93 -1.56
N LYS A 481 -10.63 -22.52 -0.29
CA LYS A 481 -11.75 -22.71 0.66
C LYS A 481 -12.99 -21.91 0.19
N PRO A 482 -14.18 -22.56 0.22
CA PRO A 482 -15.38 -21.79 -0.07
C PRO A 482 -15.54 -20.60 0.90
N ASP A 483 -16.26 -19.58 0.48
CA ASP A 483 -16.46 -18.38 1.33
C ASP A 483 -17.78 -17.72 0.92
N GLU A 484 -18.02 -16.48 1.32
CA GLU A 484 -19.35 -15.87 1.02
C GLU A 484 -19.54 -15.44 -0.44
N ASN A 485 -18.46 -15.41 -1.24
CA ASN A 485 -18.53 -15.05 -2.68
C ASN A 485 -18.64 -16.18 -3.70
N GLN A 486 -18.00 -17.32 -3.45
CA GLN A 486 -18.25 -18.50 -4.26
C GLN A 486 -18.38 -19.71 -3.35
N LYS A 487 -19.50 -20.42 -3.56
CA LYS A 487 -19.76 -21.69 -2.90
C LYS A 487 -18.85 -22.79 -3.41
N GLU A 488 -18.62 -22.82 -4.73
CA GLU A 488 -17.77 -23.82 -5.35
C GLU A 488 -16.58 -23.06 -6.00
N LYS A 489 -15.36 -23.33 -5.55
CA LYS A 489 -14.24 -22.55 -6.07
C LYS A 489 -13.67 -23.30 -7.29
N LYS A 490 -13.44 -22.70 -8.45
CA LYS A 490 -12.86 -23.46 -9.55
C LYS A 490 -11.34 -23.43 -9.53
N PRO A 491 -10.67 -24.44 -10.11
CA PRO A 491 -9.19 -24.45 -10.28
C PRO A 491 -8.69 -23.21 -11.06
N LEU A 492 -7.68 -22.55 -10.53
CA LEU A 492 -7.02 -21.42 -11.24
C LEU A 492 -5.86 -21.82 -12.14
N PHE A 493 -5.45 -20.89 -13.03
CA PHE A 493 -4.22 -21.04 -13.82
C PHE A 493 -3.04 -20.56 -12.92
N ILE A 494 -2.27 -21.54 -12.39
CA ILE A 494 -1.22 -21.30 -11.40
C ILE A 494 0.16 -21.57 -12.01
N PRO A 495 0.95 -20.51 -12.28
CA PRO A 495 2.30 -20.71 -12.78
C PRO A 495 3.28 -21.00 -11.61
N ILE A 496 4.04 -22.10 -11.71
CA ILE A 496 4.91 -22.53 -10.61
C ILE A 496 6.30 -22.55 -11.10
N SER A 497 7.06 -21.50 -10.76
CA SER A 497 8.47 -21.42 -11.22
C SER A 497 9.24 -22.36 -10.33
N VAL A 498 10.00 -23.27 -10.93
CA VAL A 498 10.67 -24.34 -10.08
C VAL A 498 12.12 -24.51 -10.49
N GLY A 499 12.89 -24.98 -9.53
CA GLY A 499 14.25 -25.50 -9.82
C GLY A 499 14.40 -26.88 -9.14
N LEU A 500 15.45 -27.63 -9.49
CA LEU A 500 15.69 -28.89 -8.79
C LEU A 500 17.12 -28.78 -8.33
N ILE A 501 17.35 -28.87 -7.03
CA ILE A 501 18.73 -28.64 -6.49
C ILE A 501 19.33 -30.03 -6.13
N ASN A 502 20.57 -30.29 -6.57
CA ASN A 502 21.29 -31.51 -6.19
C ASN A 502 21.72 -31.30 -4.73
N PRO A 503 21.27 -32.16 -3.79
CA PRO A 503 21.56 -31.93 -2.35
C PRO A 503 23.04 -32.25 -2.04
N GLU A 504 23.70 -32.97 -2.94
CA GLU A 504 25.14 -33.25 -2.81
C GLU A 504 26.08 -32.08 -3.06
N ASN A 505 25.79 -31.18 -4.00
CA ASN A 505 26.70 -30.07 -4.36
C ASN A 505 25.98 -28.73 -4.50
N GLY A 506 24.67 -28.71 -4.24
CA GLY A 506 23.91 -27.46 -4.34
C GLY A 506 23.65 -26.92 -5.73
N LYS A 507 23.91 -27.70 -6.76
CA LYS A 507 23.84 -27.19 -8.13
C LYS A 507 22.44 -27.32 -8.74
N GLU A 508 22.11 -26.46 -9.71
CA GLU A 508 20.87 -26.60 -10.47
C GLU A 508 20.85 -27.87 -11.31
N MET A 509 19.74 -28.58 -11.35
CA MET A 509 19.70 -29.79 -12.15
C MET A 509 18.88 -29.63 -13.42
N ILE A 510 18.06 -28.59 -13.55
CA ILE A 510 17.27 -28.37 -14.76
C ILE A 510 17.37 -26.91 -15.17
N SER A 511 16.99 -26.59 -16.42
CA SER A 511 16.91 -25.20 -16.89
C SER A 511 15.72 -24.52 -16.22
N GLN A 512 15.56 -23.21 -16.45
CA GLN A 512 14.37 -22.42 -15.99
C GLN A 512 13.13 -23.10 -16.44
N THR A 513 12.20 -23.34 -15.51
CA THR A 513 10.99 -24.05 -15.89
C THR A 513 9.86 -23.48 -15.08
N THR A 514 8.72 -23.22 -15.73
CA THR A 514 7.56 -22.74 -15.04
C THR A 514 6.48 -23.74 -15.32
N LEU A 515 6.07 -24.51 -14.29
CA LEU A 515 4.93 -25.44 -14.46
C LEU A 515 3.61 -24.67 -14.59
N GLU A 516 2.77 -25.03 -15.57
CA GLU A 516 1.49 -24.40 -15.70
C GLU A 516 0.44 -25.32 -15.11
N LEU A 517 0.09 -25.13 -13.84
CA LEU A 517 -0.97 -25.93 -13.22
C LEU A 517 -2.37 -25.36 -13.57
N THR A 518 -3.18 -26.12 -14.29
CA THR A 518 -4.47 -25.59 -14.75
C THR A 518 -5.63 -26.44 -14.22
N LYS A 519 -5.34 -27.51 -13.49
CA LYS A 519 -6.40 -28.47 -13.09
C LYS A 519 -6.37 -28.53 -11.59
N GLU A 520 -7.36 -29.14 -10.94
CA GLU A 520 -7.31 -29.33 -9.50
C GLU A 520 -6.01 -30.08 -9.06
N SER A 521 -5.53 -31.02 -9.88
CA SER A 521 -4.24 -31.64 -9.62
C SER A 521 -3.56 -32.02 -10.90
N ASP A 522 -2.25 -32.20 -10.81
CA ASP A 522 -1.48 -32.66 -11.97
C ASP A 522 -0.18 -33.30 -11.49
N THR A 523 0.45 -34.13 -12.33
CA THR A 523 1.72 -34.77 -11.94
C THR A 523 2.73 -34.36 -13.04
N PHE A 524 3.84 -33.76 -12.61
CA PHE A 524 4.90 -33.26 -13.51
C PHE A 524 6.16 -34.17 -13.43
N VAL A 525 6.50 -34.82 -14.53
CA VAL A 525 7.58 -35.85 -14.50
C VAL A 525 8.81 -35.29 -15.21
N PHE A 526 10.00 -35.56 -14.66
CA PHE A 526 11.25 -35.16 -15.26
C PHE A 526 12.13 -36.38 -15.45
N ASN A 527 12.60 -36.58 -16.67
CA ASN A 527 13.56 -37.66 -16.93
C ASN A 527 15.03 -37.24 -16.80
N ASN A 528 15.92 -38.24 -16.72
CA ASN A 528 17.37 -37.98 -16.65
C ASN A 528 17.75 -37.09 -15.48
N ILE A 529 17.20 -37.39 -14.32
CA ILE A 529 17.50 -36.69 -13.08
C ILE A 529 18.41 -37.63 -12.27
N ALA A 530 19.69 -37.29 -12.18
CA ALA A 530 20.71 -38.30 -11.84
C ALA A 530 20.67 -38.69 -10.40
N VAL A 531 20.18 -37.81 -9.56
CA VAL A 531 20.14 -38.07 -8.11
C VAL A 531 18.83 -37.48 -7.60
N LYS A 532 18.35 -37.88 -6.43
CA LYS A 532 17.09 -37.38 -5.86
C LYS A 532 17.28 -35.91 -5.49
N PRO A 533 16.48 -34.99 -6.08
CA PRO A 533 16.70 -33.56 -5.92
C PRO A 533 15.95 -33.04 -4.72
N ILE A 534 16.28 -31.84 -4.29
CA ILE A 534 15.36 -31.07 -3.42
C ILE A 534 14.70 -30.02 -4.33
N PRO A 535 13.35 -29.99 -4.34
CA PRO A 535 12.68 -29.10 -5.23
C PRO A 535 12.64 -27.67 -4.65
N SER A 536 12.82 -26.69 -5.54
CA SER A 536 12.85 -25.27 -5.19
C SER A 536 11.55 -24.73 -5.85
N LEU A 537 10.52 -24.53 -5.03
CA LEU A 537 9.14 -24.35 -5.55
C LEU A 537 8.63 -22.89 -5.38
N PHE A 538 7.93 -22.36 -6.40
CA PHE A 538 7.42 -20.98 -6.39
C PHE A 538 8.56 -19.94 -6.31
N ARG A 539 9.61 -20.14 -7.12
CA ARG A 539 10.75 -19.24 -7.11
C ARG A 539 10.22 -17.84 -7.41
N GLY A 540 10.73 -16.86 -6.63
CA GLY A 540 10.32 -15.46 -6.81
C GLY A 540 8.94 -15.26 -6.23
N PHE A 541 8.36 -16.31 -5.55
CA PHE A 541 6.97 -16.30 -5.14
C PHE A 541 6.04 -16.15 -6.35
N SER A 542 5.99 -17.19 -7.19
CA SER A 542 5.38 -17.05 -8.51
C SER A 542 3.85 -17.05 -8.59
N ALA A 543 3.15 -17.33 -7.49
CA ALA A 543 1.66 -17.13 -7.46
C ALA A 543 1.27 -16.79 -6.02
N PRO A 544 0.19 -16.01 -5.83
CA PRO A 544 -0.25 -15.55 -4.52
C PRO A 544 -1.08 -16.66 -3.81
N VAL A 545 -0.35 -17.67 -3.26
CA VAL A 545 -0.96 -18.88 -2.72
C VAL A 545 -0.30 -19.22 -1.39
N TYR A 546 -0.97 -20.04 -0.59
CA TYR A 546 -0.39 -20.71 0.54
C TYR A 546 0.40 -21.89 -0.04
N ILE A 547 1.70 -21.91 0.21
CA ILE A 547 2.56 -22.93 -0.28
C ILE A 547 2.77 -23.97 0.79
N GLU A 548 2.41 -25.22 0.49
CA GLU A 548 2.65 -26.32 1.46
C GLU A 548 3.65 -27.27 0.81
N ASP A 549 4.95 -27.10 1.13
CA ASP A 549 6.03 -27.73 0.35
C ASP A 549 6.22 -29.22 0.80
N GLN A 550 5.66 -29.58 1.97
CA GLN A 550 5.85 -30.95 2.58
C GLN A 550 7.26 -31.40 2.52
N LEU A 551 8.18 -30.48 2.73
CA LEU A 551 9.58 -30.91 2.82
C LEU A 551 9.97 -31.11 4.29
N THR A 552 11.01 -31.90 4.51
CA THR A 552 11.49 -32.05 5.89
C THR A 552 12.33 -30.82 6.28
N ASP A 553 12.63 -30.62 7.57
CA ASP A 553 13.43 -29.48 7.89
C ASP A 553 14.88 -29.63 7.40
N GLU A 554 15.40 -30.87 7.37
CA GLU A 554 16.68 -31.09 6.66
C GLU A 554 16.73 -30.58 5.21
N GLU A 555 15.67 -30.85 4.44
CA GLU A 555 15.60 -30.39 3.03
C GLU A 555 15.50 -28.86 3.05
N ARG A 556 14.69 -28.33 3.97
CA ARG A 556 14.52 -26.84 4.00
C ARG A 556 15.84 -26.15 4.33
N ILE A 557 16.59 -26.73 5.27
CA ILE A 557 17.90 -26.21 5.63
C ILE A 557 18.81 -26.23 4.42
N LEU A 558 18.75 -27.32 3.66
CA LEU A 558 19.65 -27.43 2.50
C LEU A 558 19.31 -26.31 1.49
N LEU A 559 18.02 -26.06 1.30
CA LEU A 559 17.62 -24.95 0.36
C LEU A 559 18.09 -23.61 0.90
N LEU A 560 17.88 -23.45 2.18
CA LEU A 560 18.23 -22.15 2.85
C LEU A 560 19.72 -21.88 2.65
N LYS A 561 20.54 -22.93 2.79
CA LYS A 561 21.98 -22.76 2.54
C LYS A 561 22.35 -22.66 1.07
N TYR A 562 21.73 -23.49 0.20
CA TYR A 562 22.28 -23.75 -1.12
C TYR A 562 21.46 -23.33 -2.37
N ASP A 563 20.20 -22.99 -2.19
CA ASP A 563 19.35 -22.67 -3.34
C ASP A 563 19.80 -21.31 -3.91
N SER A 564 19.46 -21.06 -5.17
CA SER A 564 19.81 -19.83 -5.90
C SER A 564 18.74 -18.77 -5.79
N ASP A 565 17.53 -19.15 -5.37
CA ASP A 565 16.42 -18.19 -5.37
C ASP A 565 16.18 -17.58 -3.99
N ALA A 566 16.18 -16.24 -3.88
CA ALA A 566 16.07 -15.65 -2.54
C ALA A 566 14.75 -15.96 -1.88
N PHE A 567 13.63 -15.91 -2.61
CA PHE A 567 12.40 -16.12 -1.96
C PHE A 567 12.33 -17.61 -1.49
N VAL A 568 12.80 -18.58 -2.28
CA VAL A 568 12.67 -19.95 -1.74
C VAL A 568 13.53 -20.16 -0.47
N ARG A 569 14.70 -19.55 -0.45
CA ARG A 569 15.55 -19.68 0.74
C ARG A 569 14.81 -19.14 1.99
N TYR A 570 14.22 -17.95 1.81
CA TYR A 570 13.52 -17.22 2.87
C TYR A 570 12.26 -17.97 3.25
N ASN A 571 11.55 -18.52 2.26
CA ASN A 571 10.33 -19.27 2.55
C ASN A 571 10.69 -20.59 3.25
N SER A 572 11.79 -21.23 2.84
CA SER A 572 12.28 -22.44 3.57
C SER A 572 12.52 -22.10 5.07
N CYS A 573 13.19 -21.01 5.37
CA CYS A 573 13.38 -20.55 6.74
C CYS A 573 12.05 -20.27 7.44
N THR A 574 11.17 -19.53 6.73
CA THR A 574 9.84 -19.28 7.25
C THR A 574 9.08 -20.57 7.70
N ASN A 575 9.12 -21.59 6.82
CA ASN A 575 8.42 -22.88 7.04
C ASN A 575 9.02 -23.64 8.22
N ILE A 576 10.36 -23.56 8.36
CA ILE A 576 11.00 -24.17 9.53
C ILE A 576 10.48 -23.46 10.78
N TYR A 577 10.45 -22.12 10.77
CA TYR A 577 9.97 -21.38 11.95
C TYR A 577 8.48 -21.68 12.21
N MET A 578 7.64 -21.71 11.18
CA MET A 578 6.23 -22.01 11.39
C MET A 578 6.02 -23.43 12.04
N LYS A 579 6.80 -24.43 11.63
CA LYS A 579 6.61 -25.78 12.18
C LYS A 579 6.93 -25.73 13.71
N GLN A 580 8.00 -25.02 14.00
CA GLN A 580 8.44 -24.78 15.38
C GLN A 580 7.38 -24.02 16.17
N ILE A 581 6.87 -22.91 15.60
CA ILE A 581 5.89 -22.11 16.29
C ILE A 581 4.61 -22.88 16.62
N LEU A 582 4.12 -23.66 15.67
CA LEU A 582 2.86 -24.35 15.88
C LEU A 582 3.05 -25.46 16.94
N MET A 583 4.22 -26.12 16.94
CA MET A 583 4.50 -27.17 17.95
CA MET A 583 4.53 -27.18 17.93
C MET A 583 4.58 -26.56 19.36
N ASN A 584 5.41 -25.54 19.52
CA ASN A 584 5.50 -24.87 20.85
C ASN A 584 4.23 -24.20 21.30
N TYR A 585 3.52 -23.57 20.38
CA TYR A 585 2.23 -22.99 20.71
C TYR A 585 1.29 -24.06 21.30
N ASN A 586 1.22 -25.25 20.70
CA ASN A 586 0.31 -26.26 21.21
CA ASN A 586 0.36 -26.32 21.22
C ASN A 586 0.82 -26.81 22.58
N GLU A 587 2.12 -26.87 22.78
CA GLU A 587 2.67 -27.31 24.12
C GLU A 587 2.37 -26.29 25.23
N PHE A 588 2.57 -24.99 24.93
CA PHE A 588 2.13 -23.95 25.83
C PHE A 588 0.66 -23.94 26.12
N LEU A 589 -0.16 -24.11 25.06
CA LEU A 589 -1.61 -24.06 25.20
C LEU A 589 -2.16 -25.19 26.11
N LYS A 590 -1.70 -26.41 25.83
CA LYS A 590 -2.00 -27.61 26.63
C LYS A 590 -1.57 -27.35 28.10
N ALA A 591 -0.38 -26.78 28.33
CA ALA A 591 -0.02 -26.51 29.74
C ALA A 591 -0.93 -25.50 30.45
N LYS A 592 -1.27 -24.41 29.77
CA LYS A 592 -2.21 -23.39 30.28
C LYS A 592 -3.59 -24.02 30.47
N ASN A 593 -4.03 -24.81 29.52
CA ASN A 593 -5.40 -25.38 29.60
C ASN A 593 -5.53 -26.39 30.74
N GLU A 594 -4.53 -27.25 30.87
CA GLU A 594 -4.54 -28.29 31.87
C GLU A 594 -3.92 -27.87 33.20
N LYS A 595 -3.55 -26.61 33.28
CA LYS A 595 -2.91 -26.06 34.48
C LYS A 595 -1.78 -26.99 35.01
N LEU A 596 -0.88 -27.38 34.09
CA LEU A 596 0.24 -28.23 34.42
C LEU A 596 1.22 -27.59 35.37
N GLU A 597 1.72 -28.40 36.32
CA GLU A 597 2.75 -27.91 37.25
C GLU A 597 4.16 -28.02 36.58
N SER A 598 4.24 -28.85 35.56
CA SER A 598 5.49 -28.99 34.82
C SER A 598 5.12 -29.59 33.48
N PHE A 599 5.99 -29.38 32.46
CA PHE A 599 5.74 -29.88 31.11
C PHE A 599 7.03 -29.71 30.31
N GLN A 600 7.09 -30.26 29.09
CA GLN A 600 8.26 -30.10 28.25
C GLN A 600 7.97 -29.21 27.00
N LEU A 601 9.00 -28.48 26.57
CA LEU A 601 8.95 -27.75 25.27
C LEU A 601 9.89 -28.40 24.27
N THR A 602 9.44 -28.53 23.03
CA THR A 602 10.29 -29.04 21.97
C THR A 602 11.36 -28.01 21.59
N PRO A 603 12.65 -28.33 21.78
CA PRO A 603 13.62 -27.28 21.45
C PRO A 603 13.71 -26.95 19.95
N VAL A 604 14.38 -25.85 19.63
CA VAL A 604 14.58 -25.39 18.21
C VAL A 604 15.59 -26.34 17.62
N ASN A 605 15.38 -26.71 16.37
CA ASN A 605 16.25 -27.64 15.64
C ASN A 605 17.70 -27.11 15.63
N ALA A 606 18.65 -27.91 16.15
CA ALA A 606 20.08 -27.55 16.25
C ALA A 606 20.75 -27.26 14.94
N GLN A 607 20.45 -28.06 13.94
CA GLN A 607 21.05 -27.90 12.58
C GLN A 607 20.45 -26.65 11.92
N PHE A 608 19.23 -26.25 12.30
CA PHE A 608 18.68 -24.98 11.75
C PHE A 608 19.46 -23.79 12.36
N ILE A 609 19.65 -23.80 13.69
CA ILE A 609 20.53 -22.81 14.37
C ILE A 609 21.94 -22.76 13.74
N ASP A 610 22.51 -23.94 13.45
CA ASP A 610 23.84 -24.00 12.80
C ASP A 610 23.80 -23.32 11.41
N ALA A 611 22.70 -23.49 10.68
CA ALA A 611 22.60 -22.95 9.29
C ALA A 611 22.48 -21.44 9.37
N ILE A 612 21.73 -20.95 10.36
CA ILE A 612 21.66 -19.50 10.57
C ILE A 612 23.04 -18.90 10.87
N LYS A 613 23.81 -19.56 11.73
CA LYS A 613 25.15 -19.04 12.10
C LYS A 613 26.04 -19.07 10.87
N TYR A 614 25.98 -20.17 10.08
CA TYR A 614 26.73 -20.30 8.82
C TYR A 614 26.42 -19.11 7.86
N LEU A 615 25.14 -18.74 7.73
CA LEU A 615 24.78 -17.61 6.86
C LEU A 615 25.28 -16.29 7.44
N LEU A 616 25.02 -16.04 8.71
CA LEU A 616 25.45 -14.81 9.32
C LEU A 616 26.98 -14.61 9.22
N GLU A 617 27.74 -15.70 9.33
CA GLU A 617 29.19 -15.62 9.34
C GLU A 617 29.79 -15.51 7.95
N ASP A 618 28.95 -15.60 6.94
CA ASP A 618 29.48 -15.56 5.59
C ASP A 618 29.63 -14.10 5.12
N PRO A 619 30.89 -13.66 4.91
CA PRO A 619 31.09 -12.26 4.55
C PRO A 619 30.58 -11.91 3.17
N HIS A 620 30.24 -12.87 2.33
CA HIS A 620 29.74 -12.54 0.98
C HIS A 620 28.22 -12.58 0.85
N ALA A 621 27.51 -13.02 1.91
CA ALA A 621 26.06 -13.08 1.93
C ALA A 621 25.48 -11.67 2.21
N ASP A 622 24.21 -11.47 1.85
CA ASP A 622 23.62 -10.16 1.85
C ASP A 622 23.06 -9.76 3.23
N ALA A 623 23.38 -8.55 3.70
CA ALA A 623 22.93 -8.14 5.05
C ALA A 623 21.40 -8.04 5.22
N GLY A 624 20.70 -7.51 4.19
CA GLY A 624 19.21 -7.45 4.24
C GLY A 624 18.63 -8.87 4.42
N PHE A 625 19.15 -9.85 3.64
CA PHE A 625 18.66 -11.24 3.72
C PHE A 625 18.92 -11.77 5.14
N LYS A 626 20.12 -11.51 5.65
CA LYS A 626 20.44 -11.89 7.03
C LYS A 626 19.41 -11.35 8.06
N SER A 627 18.94 -10.11 7.89
CA SER A 627 17.99 -9.58 8.88
C SER A 627 16.67 -10.37 8.86
N TYR A 628 16.29 -10.90 7.69
CA TYR A 628 15.03 -11.61 7.55
C TYR A 628 15.19 -12.98 8.25
N ILE A 629 16.37 -13.58 8.20
CA ILE A 629 16.50 -14.99 8.66
C ILE A 629 16.50 -15.05 10.22
N VAL A 630 16.94 -13.96 10.88
CA VAL A 630 16.94 -13.88 12.35
C VAL A 630 15.61 -13.37 12.97
N SER A 631 14.64 -13.10 12.13
CA SER A 631 13.40 -12.53 12.63
C SER A 631 12.32 -13.61 12.46
N LEU A 632 11.44 -13.80 13.45
CA LEU A 632 10.37 -14.79 13.27
C LEU A 632 9.37 -14.25 12.28
N PRO A 633 8.56 -15.11 11.65
CA PRO A 633 7.46 -14.62 10.82
C PRO A 633 6.52 -13.68 11.61
N GLN A 634 5.96 -12.70 10.89
CA GLN A 634 5.08 -11.70 11.52
C GLN A 634 3.86 -12.35 12.17
N ASP A 635 3.33 -11.73 13.26
CA ASP A 635 2.14 -12.25 13.97
C ASP A 635 0.97 -12.38 13.01
N ARG A 636 0.80 -11.40 12.13
CA ARG A 636 -0.34 -11.40 11.18
C ARG A 636 -0.19 -12.46 10.06
N TYR A 637 1.03 -13.00 9.85
CA TYR A 637 1.22 -14.16 8.99
C TYR A 637 0.87 -15.44 9.80
N ILE A 638 1.39 -15.51 11.02
CA ILE A 638 1.21 -16.70 11.90
C ILE A 638 -0.29 -16.95 12.11
N ILE A 639 -1.09 -15.90 12.27
CA ILE A 639 -2.49 -16.08 12.62
C ILE A 639 -3.27 -16.85 11.60
N ASN A 640 -2.81 -16.87 10.35
CA ASN A 640 -3.49 -17.60 9.28
C ASN A 640 -3.43 -19.13 9.50
N PHE A 641 -2.57 -19.54 10.42
CA PHE A 641 -2.33 -20.97 10.65
C PHE A 641 -2.81 -21.53 12.00
N VAL A 642 -3.44 -20.70 12.81
CA VAL A 642 -3.84 -21.12 14.16
C VAL A 642 -5.28 -20.75 14.37
N SER A 643 -6.12 -21.72 14.78
CA SER A 643 -7.53 -21.39 15.17
C SER A 643 -7.65 -20.82 16.54
N ASN A 644 -8.58 -19.89 16.74
CA ASN A 644 -8.80 -19.38 18.10
C ASN A 644 -7.50 -18.96 18.75
N LEU A 645 -6.68 -18.18 18.03
CA LEU A 645 -5.33 -17.87 18.54
C LEU A 645 -5.32 -17.11 19.87
N ASP A 646 -4.66 -17.68 20.89
CA ASP A 646 -4.51 -16.99 22.17
C ASP A 646 -3.24 -16.14 22.06
N THR A 647 -3.36 -14.81 22.09
CA THR A 647 -2.18 -13.97 21.76
C THR A 647 -1.10 -14.06 22.87
N ASP A 648 -1.51 -14.33 24.12
CA ASP A 648 -0.52 -14.55 25.20
C ASP A 648 0.31 -15.83 25.06
N VAL A 649 -0.35 -16.90 24.63
CA VAL A 649 0.34 -18.15 24.33
C VAL A 649 1.24 -17.95 23.13
N LEU A 650 0.83 -17.13 22.17
CA LEU A 650 1.72 -16.90 21.01
C LEU A 650 2.85 -16.03 21.50
N ALA A 651 2.59 -15.08 22.38
CA ALA A 651 3.74 -14.26 22.85
C ALA A 651 4.78 -15.15 23.58
N ASP A 652 4.31 -16.07 24.42
CA ASP A 652 5.24 -16.99 25.12
C ASP A 652 5.97 -17.89 24.14
N THR A 653 5.30 -18.36 23.08
CA THR A 653 5.94 -19.18 22.08
C THR A 653 7.13 -18.45 21.42
N LYS A 654 6.84 -17.24 20.92
CA LYS A 654 7.87 -16.41 20.32
C LYS A 654 9.01 -16.11 21.25
N GLU A 655 8.69 -15.77 22.49
CA GLU A 655 9.78 -15.54 23.49
C GLU A 655 10.68 -16.77 23.63
N TYR A 656 10.08 -17.97 23.76
CA TYR A 656 10.84 -19.21 23.95
C TYR A 656 11.77 -19.39 22.73
N ILE A 657 11.23 -19.19 21.52
CA ILE A 657 12.01 -19.52 20.31
C ILE A 657 13.16 -18.53 20.14
N TYR A 658 12.86 -17.23 20.32
CA TYR A 658 13.96 -16.23 20.28
C TYR A 658 15.03 -16.52 21.38
N LYS A 659 14.61 -16.93 22.56
CA LYS A 659 15.62 -17.16 23.64
C LYS A 659 16.44 -18.41 23.28
N GLN A 660 15.78 -19.45 22.73
CA GLN A 660 16.52 -20.70 22.30
C GLN A 660 17.64 -20.35 21.30
N ILE A 661 17.34 -19.50 20.32
CA ILE A 661 18.35 -19.20 19.28
C ILE A 661 19.45 -18.25 19.82
N GLY A 662 19.01 -17.27 20.60
CA GLY A 662 19.93 -16.28 21.15
C GLY A 662 20.86 -16.95 22.15
N ASP A 663 20.37 -17.97 22.86
CA ASP A 663 21.22 -18.70 23.81
C ASP A 663 22.38 -19.34 23.03
N LYS A 664 22.15 -19.74 21.78
CA LYS A 664 23.27 -20.25 20.97
C LYS A 664 24.04 -19.13 20.25
N LEU A 665 23.35 -18.10 19.76
CA LEU A 665 24.00 -17.18 18.81
C LEU A 665 24.27 -15.74 19.27
N ASN A 666 23.99 -15.38 20.52
CA ASN A 666 24.18 -13.98 20.90
C ASN A 666 25.61 -13.46 20.72
N ASP A 667 26.59 -14.30 21.02
CA ASP A 667 27.99 -13.92 20.79
C ASP A 667 28.27 -13.60 19.34
N VAL A 668 27.73 -14.41 18.46
CA VAL A 668 27.80 -14.15 17.04
C VAL A 668 27.09 -12.81 16.67
N TYR A 669 25.89 -12.61 17.20
CA TYR A 669 25.15 -11.37 16.97
C TYR A 669 25.99 -10.13 17.39
N TYR A 670 26.64 -10.25 18.55
CA TYR A 670 27.42 -9.15 19.08
C TYR A 670 28.59 -8.85 18.19
N LYS A 671 29.34 -9.89 17.85
CA LYS A 671 30.50 -9.74 17.02
C LYS A 671 30.14 -9.04 15.67
N MET A 672 29.04 -9.45 15.05
CA MET A 672 28.61 -8.82 13.82
C MET A 672 28.13 -7.40 14.01
N PHE A 673 27.39 -7.15 15.11
CA PHE A 673 26.93 -5.79 15.42
C PHE A 673 28.15 -4.88 15.41
N LYS A 674 29.25 -5.36 16.03
CA LYS A 674 30.50 -4.55 16.09
C LYS A 674 31.22 -4.45 14.72
N SER A 675 31.31 -5.54 13.96
CA SER A 675 32.15 -5.50 12.77
C SER A 675 31.44 -4.77 11.63
N LEU A 676 30.10 -4.68 11.69
CA LEU A 676 29.30 -4.02 10.66
C LEU A 676 29.33 -2.52 10.79
N GLU A 677 29.71 -2.06 11.96
CA GLU A 677 29.64 -0.63 12.22
C GLU A 677 30.31 0.26 11.16
N ALA A 678 31.58 0.00 10.81
CA ALA A 678 32.34 0.91 9.89
C ALA A 678 31.59 1.12 8.57
N LYS A 679 31.15 0.04 7.94
CA LYS A 679 30.44 0.24 6.69
C LYS A 679 28.99 0.69 6.87
N ALA A 680 28.30 0.19 7.90
CA ALA A 680 26.89 0.52 8.00
C ALA A 680 26.74 2.06 8.21
N ASP A 681 27.64 2.64 9.00
CA ASP A 681 27.44 4.00 9.50
C ASP A 681 28.34 4.98 8.80
N ASP A 682 28.97 4.53 7.74
CA ASP A 682 29.91 5.35 7.00
C ASP A 682 29.22 6.69 6.64
N LEU A 683 29.89 7.81 6.94
CA LEU A 683 29.41 9.20 6.72
C LEU A 683 29.93 9.85 5.47
N THR A 684 30.64 9.10 4.63
CA THR A 684 31.34 9.66 3.45
C THR A 684 30.38 10.53 2.63
N TYR A 685 29.12 10.02 2.44
CA TYR A 685 28.16 10.67 1.56
C TYR A 685 26.96 11.30 2.29
N PHE A 686 27.10 11.59 3.57
CA PHE A 686 25.98 12.04 4.43
C PHE A 686 25.51 13.39 3.90
N ASN A 687 26.46 14.21 3.40
CA ASN A 687 26.08 15.50 2.87
C ASN A 687 25.86 15.54 1.37
N ASP A 688 25.80 14.36 0.74
CA ASP A 688 25.50 14.28 -0.69
C ASP A 688 24.02 13.92 -0.75
N GLU A 689 23.19 14.86 -1.21
CA GLU A 689 21.74 14.67 -0.99
C GLU A 689 21.12 13.59 -1.94
N SER A 690 21.83 13.30 -3.02
CA SER A 690 21.36 12.41 -4.04
C SER A 690 22.01 11.04 -3.98
N HIS A 691 22.94 10.79 -3.04
CA HIS A 691 23.69 9.50 -3.03
C HIS A 691 22.90 8.57 -2.06
N VAL A 692 22.21 7.58 -2.61
CA VAL A 692 21.41 6.66 -1.71
C VAL A 692 21.87 5.25 -1.95
N ASP A 693 22.27 4.56 -0.88
CA ASP A 693 22.92 3.29 -1.05
C ASP A 693 22.06 2.28 -0.23
N PHE A 694 21.31 1.49 -0.99
CA PHE A 694 20.39 0.55 -0.40
C PHE A 694 21.03 -0.57 0.31
N ASP A 695 22.21 -1.02 -0.17
CA ASP A 695 22.97 -2.02 0.56
CA ASP A 695 22.97 -2.03 0.54
C ASP A 695 23.40 -1.47 1.92
N GLN A 696 23.93 -0.26 1.96
CA GLN A 696 24.33 0.32 3.27
C GLN A 696 23.14 0.41 4.28
N MET A 697 21.96 0.81 3.79
CA MET A 697 20.80 0.89 4.63
C MET A 697 20.43 -0.49 5.12
N ASN A 698 20.59 -1.51 4.27
CA ASN A 698 20.30 -2.90 4.73
C ASN A 698 21.28 -3.33 5.81
N MET A 699 22.51 -2.84 5.72
CA MET A 699 23.47 -3.10 6.84
C MET A 699 23.03 -2.47 8.13
N ARG A 700 22.50 -1.26 8.06
CA ARG A 700 21.94 -0.65 9.25
C ARG A 700 20.74 -1.46 9.76
N THR A 701 19.87 -1.88 8.84
CA THR A 701 18.74 -2.68 9.27
C THR A 701 19.22 -3.91 10.08
N LEU A 702 20.18 -4.62 9.51
CA LEU A 702 20.77 -5.77 10.19
C LEU A 702 21.32 -5.39 11.58
N ARG A 703 22.18 -4.34 11.66
CA ARG A 703 22.70 -3.93 12.99
C ARG A 703 21.58 -3.58 13.96
N ASN A 704 20.56 -2.87 13.50
CA ASN A 704 19.41 -2.54 14.38
C ASN A 704 18.56 -3.74 14.81
N THR A 705 18.47 -4.72 13.93
CA THR A 705 17.81 -5.97 14.30
C THR A 705 18.61 -6.75 15.35
N LEU A 706 19.91 -6.87 15.14
CA LEU A 706 20.80 -7.55 16.09
C LEU A 706 20.81 -6.84 17.42
N LEU A 707 20.84 -5.52 17.40
CA LEU A 707 20.79 -4.80 18.67
C LEU A 707 19.51 -5.00 19.46
N SER A 708 18.39 -5.06 18.75
CA SER A 708 17.14 -5.38 19.40
C SER A 708 17.21 -6.81 20.02
N LEU A 709 17.71 -7.79 19.27
CA LEU A 709 17.84 -9.16 19.82
C LEU A 709 18.73 -9.15 21.12
N LEU A 710 19.85 -8.45 21.04
CA LEU A 710 20.85 -8.42 22.16
C LEU A 710 20.27 -7.68 23.38
N SER A 711 19.51 -6.62 23.11
CA SER A 711 18.85 -5.91 24.22
C SER A 711 17.75 -6.70 24.92
N LYS A 712 16.80 -7.30 24.19
CA LYS A 712 15.78 -8.19 24.81
C LYS A 712 16.46 -9.30 25.61
N ALA A 713 17.58 -9.82 25.10
CA ALA A 713 18.30 -10.88 25.82
C ALA A 713 19.12 -10.37 27.02
N GLN A 714 19.22 -9.05 27.17
CA GLN A 714 19.98 -8.48 28.28
C GLN A 714 21.42 -8.96 28.21
N TYR A 715 21.99 -8.95 27.00
CA TYR A 715 23.34 -9.41 26.76
C TYR A 715 24.29 -8.52 27.60
N PRO A 716 25.36 -9.12 28.19
CA PRO A 716 26.23 -8.37 29.16
C PRO A 716 26.73 -7.02 28.65
N ASN A 717 26.34 -5.99 29.38
CA ASN A 717 26.77 -4.61 29.12
C ASN A 717 26.26 -4.01 27.81
N ILE A 718 25.22 -4.59 27.23
CA ILE A 718 24.74 -4.05 25.92
C ILE A 718 24.28 -2.56 26.01
N LEU A 719 23.95 -2.10 27.23
CA LEU A 719 23.52 -0.70 27.42
C LEU A 719 24.58 0.28 26.95
N ASN A 720 25.84 -0.10 27.13
CA ASN A 720 26.91 0.75 26.64
C ASN A 720 26.77 0.95 25.15
N GLU A 721 26.40 -0.13 24.45
CA GLU A 721 26.27 -0.03 23.01
C GLU A 721 25.07 0.80 22.63
N ILE A 722 23.98 0.63 23.39
CA ILE A 722 22.75 1.38 23.17
C ILE A 722 23.02 2.86 23.32
N ILE A 723 23.73 3.23 24.39
CA ILE A 723 24.02 4.64 24.64
C ILE A 723 24.89 5.23 23.52
N GLU A 724 25.90 4.51 23.09
CA GLU A 724 26.75 5.00 21.98
C GLU A 724 25.95 5.21 20.68
N HIS A 725 25.00 4.30 20.48
CA HIS A 725 24.15 4.27 19.29
C HIS A 725 23.22 5.50 19.22
N SER A 726 22.81 5.98 20.39
CA SER A 726 21.97 7.19 20.57
C SER A 726 22.67 8.46 20.06
N LYS A 727 24.01 8.39 19.91
CA LYS A 727 24.86 9.53 19.46
C LYS A 727 25.08 9.51 17.94
N SER A 728 24.57 8.47 17.26
CA SER A 728 24.70 8.34 15.81
C SER A 728 24.03 9.49 15.07
N PRO A 729 24.61 9.93 13.95
CA PRO A 729 23.96 11.00 13.20
C PRO A 729 22.67 10.50 12.44
N TYR A 730 22.53 9.19 12.25
CA TYR A 730 21.43 8.60 11.47
C TYR A 730 20.20 8.37 12.34
N PRO A 731 19.06 8.97 12.00
CA PRO A 731 17.84 8.73 12.73
C PRO A 731 17.43 7.25 12.85
N SER A 732 17.72 6.42 11.83
CA SER A 732 17.43 5.00 11.98
C SER A 732 18.13 4.44 13.21
N ASN A 733 19.38 4.86 13.38
CA ASN A 733 20.14 4.42 14.58
C ASN A 733 19.61 5.03 15.90
N TRP A 734 19.44 6.36 15.93
CA TRP A 734 19.15 6.92 17.26
C TRP A 734 17.70 6.66 17.74
N LEU A 735 16.75 6.48 16.79
CA LEU A 735 15.43 6.07 17.18
C LEU A 735 15.49 4.63 17.59
N THR A 736 16.35 3.83 16.95
CA THR A 736 16.45 2.45 17.41
C THR A 736 16.96 2.43 18.84
N SER A 737 17.89 3.35 19.16
CA SER A 737 18.47 3.42 20.52
C SER A 737 17.33 3.61 21.53
N LEU A 738 16.35 4.46 21.19
CA LEU A 738 15.15 4.66 22.02
C LEU A 738 14.35 3.36 22.23
N SER A 739 13.92 2.69 21.15
CA SER A 739 13.09 1.49 21.40
C SER A 739 13.84 0.35 22.09
N VAL A 740 15.09 0.05 21.76
CA VAL A 740 15.80 -1.05 22.49
C VAL A 740 16.16 -0.69 23.93
N SER A 741 16.23 0.59 24.25
CA SER A 741 16.45 1.02 25.66
C SER A 741 15.26 0.82 26.57
N ALA A 742 14.12 0.45 26.00
CA ALA A 742 12.91 0.12 26.78
C ALA A 742 13.15 -0.94 27.89
N TYR A 743 14.14 -1.82 27.68
CA TYR A 743 14.45 -2.91 28.60
C TYR A 743 15.45 -2.44 29.68
N PHE A 744 15.75 -1.13 29.72
CA PHE A 744 16.66 -0.58 30.70
C PHE A 744 16.14 0.68 31.40
N ASP A 745 16.82 1.11 32.47
CA ASP A 745 16.37 2.24 33.26
C ASP A 745 16.69 3.56 32.55
N LYS A 746 17.40 3.45 31.44
CA LYS A 746 17.77 4.61 30.65
C LYS A 746 16.63 5.08 29.70
N TYR A 747 15.53 4.34 29.65
CA TYR A 747 14.51 4.63 28.63
C TYR A 747 14.04 6.12 28.62
N PHE A 748 13.63 6.67 29.78
CA PHE A 748 13.11 8.06 29.74
C PHE A 748 14.17 9.12 29.47
N GLU A 749 15.42 8.84 29.86
CA GLU A 749 16.52 9.73 29.47
C GLU A 749 16.62 9.73 27.92
N LEU A 750 16.47 8.59 27.28
CA LEU A 750 16.63 8.58 25.81
C LEU A 750 15.38 9.09 25.11
N TYR A 751 14.25 8.85 25.76
CA TYR A 751 12.94 9.44 25.31
C TYR A 751 13.05 10.99 25.18
N ASP A 752 13.57 11.64 26.23
CA ASP A 752 13.76 13.10 26.23
C ASP A 752 14.81 13.54 25.22
N LYS A 753 15.95 12.82 25.17
CA LYS A 753 16.99 13.17 24.21
C LYS A 753 16.48 13.10 22.75
N THR A 754 15.82 11.99 22.39
CA THR A 754 15.38 11.80 21.00
C THR A 754 14.19 12.73 20.64
N TYR A 755 13.31 13.01 21.60
CA TYR A 755 12.28 14.04 21.43
C TYR A 755 12.90 15.40 21.03
N LYS A 756 13.91 15.83 21.81
CA LYS A 756 14.63 17.08 21.47
C LYS A 756 15.20 17.12 20.07
N LEU A 757 15.73 15.98 19.61
CA LEU A 757 16.25 15.86 18.26
C LEU A 757 15.17 15.85 17.17
N SER A 758 13.98 15.39 17.54
CA SER A 758 12.86 15.19 16.58
C SER A 758 11.89 16.38 16.51
N LYS A 759 11.80 17.18 17.58
CA LYS A 759 10.61 18.03 17.75
C LYS A 759 10.43 19.18 16.74
N ASP A 760 11.51 19.58 16.07
CA ASP A 760 11.46 20.70 15.20
C ASP A 760 11.39 20.29 13.71
N ASP A 761 11.17 18.99 13.39
CA ASP A 761 10.88 18.59 12.02
C ASP A 761 9.57 17.79 12.11
N GLU A 762 8.51 18.32 11.52
CA GLU A 762 7.15 17.69 11.59
C GLU A 762 7.22 16.20 11.30
N LEU A 763 7.97 15.79 10.24
CA LEU A 763 7.93 14.34 9.85
C LEU A 763 8.77 13.48 10.79
N LEU A 764 9.94 14.01 11.22
CA LEU A 764 10.76 13.30 12.13
C LEU A 764 10.04 13.15 13.44
N LEU A 765 9.28 14.17 13.85
CA LEU A 765 8.49 14.03 15.10
C LEU A 765 7.50 12.85 15.02
N GLN A 766 6.84 12.74 13.87
CA GLN A 766 5.95 11.57 13.64
C GLN A 766 6.70 10.21 13.77
N GLU A 767 7.94 10.09 13.26
CA GLU A 767 8.75 8.85 13.42
C GLU A 767 9.09 8.59 14.87
N TRP A 768 9.43 9.67 15.61
CA TRP A 768 9.63 9.57 17.05
C TRP A 768 8.32 9.02 17.70
N LEU A 769 7.15 9.60 17.37
CA LEU A 769 5.85 9.12 17.93
C LEU A 769 5.66 7.63 17.63
N LYS A 770 5.97 7.19 16.40
CA LYS A 770 5.86 5.75 16.07
C LYS A 770 6.79 4.91 16.94
N THR A 771 7.99 5.44 17.19
CA THR A 771 9.02 4.69 17.93
C THR A 771 8.54 4.51 19.38
N VAL A 772 7.97 5.57 19.94
CA VAL A 772 7.43 5.52 21.28
C VAL A 772 6.23 4.56 21.33
N SER A 773 5.33 4.70 20.34
CA SER A 773 4.12 3.87 20.33
C SER A 773 4.47 2.37 20.32
N ARG A 774 5.54 2.01 19.63
CA ARG A 774 5.89 0.61 19.38
C ARG A 774 6.82 0.10 20.50
N SER A 775 7.26 0.98 21.41
CA SER A 775 8.22 0.56 22.48
C SER A 775 7.70 -0.55 23.37
N ASP A 776 8.59 -1.52 23.64
CA ASP A 776 8.18 -2.68 24.42
C ASP A 776 8.27 -2.33 25.94
N ARG A 777 7.30 -1.54 26.38
CA ARG A 777 7.22 -0.96 27.72
C ARG A 777 6.06 -1.58 28.50
N LYS A 778 6.32 -1.99 29.74
CA LYS A 778 5.24 -2.35 30.66
C LYS A 778 4.32 -1.16 30.99
N ASP A 779 4.83 0.05 31.00
CA ASP A 779 3.96 1.20 31.31
C ASP A 779 3.51 1.88 30.00
N ILE A 780 3.34 1.10 28.92
CA ILE A 780 2.91 1.63 27.60
C ILE A 780 1.58 2.38 27.65
N TYR A 781 0.60 1.93 28.46
CA TYR A 781 -0.67 2.71 28.55
C TYR A 781 -0.49 4.11 29.12
N GLU A 782 0.37 4.24 30.12
CA GLU A 782 0.65 5.53 30.75
C GLU A 782 1.49 6.40 29.78
N ILE A 783 2.42 5.78 29.07
CA ILE A 783 3.14 6.51 28.00
C ILE A 783 2.25 7.04 26.88
N LEU A 784 1.27 6.25 26.43
CA LEU A 784 0.33 6.79 25.44
C LEU A 784 -0.46 8.01 25.96
N LYS A 785 -0.87 7.96 27.23
CA LYS A 785 -1.65 9.04 27.80
C LYS A 785 -0.79 10.29 27.81
N LYS A 786 0.48 10.12 28.12
CA LYS A 786 1.51 11.17 28.04
C LYS A 786 1.68 11.79 26.64
N LEU A 787 1.79 10.95 25.62
CA LEU A 787 1.83 11.47 24.27
C LEU A 787 0.56 12.22 23.91
N GLU A 788 -0.60 11.71 24.31
CA GLU A 788 -1.82 12.40 24.06
C GLU A 788 -1.82 13.83 24.70
N ASN A 789 -1.39 13.90 25.95
CA ASN A 789 -1.48 15.17 26.71
C ASN A 789 -0.43 16.13 26.24
N GLU A 790 0.76 15.62 25.91
CA GLU A 790 1.90 16.51 25.68
C GLU A 790 2.25 16.84 24.22
N VAL A 791 1.90 15.95 23.28
CA VAL A 791 2.43 16.04 21.92
C VAL A 791 1.30 16.01 20.88
N LEU A 792 0.48 14.95 20.96
CA LEU A 792 -0.62 14.78 20.00
C LEU A 792 -1.71 15.83 20.24
N LYS A 793 -2.19 15.92 21.49
CA LYS A 793 -3.34 16.83 21.83
C LYS A 793 -4.56 16.60 20.89
N ASP A 794 -5.17 17.67 20.32
CA ASP A 794 -6.33 17.52 19.42
C ASP A 794 -5.95 17.69 17.93
N SER A 795 -4.69 17.36 17.56
CA SER A 795 -4.28 17.32 16.16
C SER A 795 -5.31 16.51 15.37
N LYS A 796 -5.66 17.06 14.24
CA LYS A 796 -6.48 16.33 13.28
C LYS A 796 -5.60 15.87 12.10
N ASN A 797 -4.28 15.94 12.24
CA ASN A 797 -3.41 15.48 11.14
C ASN A 797 -3.39 13.94 11.19
N PRO A 798 -3.80 13.26 10.09
CA PRO A 798 -3.83 11.80 10.09
C PRO A 798 -2.44 11.22 10.30
N ASN A 799 -1.37 11.91 9.92
CA ASN A 799 -0.05 11.33 10.20
C ASN A 799 0.26 11.32 11.70
N ASP A 800 -0.25 12.30 12.43
CA ASP A 800 -0.03 12.31 13.91
C ASP A 800 -0.83 11.23 14.59
N ILE A 801 -2.13 11.15 14.24
CA ILE A 801 -3.03 10.13 14.89
C ILE A 801 -2.52 8.69 14.60
N ARG A 802 -2.27 8.44 13.34
CA ARG A 802 -1.75 7.09 12.97
C ARG A 802 -0.42 6.75 13.65
N ALA A 803 0.50 7.71 13.82
CA ALA A 803 1.85 7.50 14.37
C ALA A 803 1.68 7.10 15.83
N VAL A 804 0.74 7.76 16.49
CA VAL A 804 0.55 7.51 17.96
C VAL A 804 -0.10 6.16 18.24
N TYR A 805 -1.05 5.73 17.41
CA TYR A 805 -1.83 4.55 17.75
C TYR A 805 -1.52 3.26 17.04
N LEU A 806 -1.22 3.34 15.74
CA LEU A 806 -1.12 2.07 14.96
C LEU A 806 0.06 1.13 15.39
N PRO A 807 1.26 1.68 15.59
CA PRO A 807 2.37 0.80 15.98
C PRO A 807 2.05 0.08 17.33
N PHE A 808 1.48 0.81 18.28
CA PHE A 808 1.00 0.19 19.54
C PHE A 808 0.09 -1.02 19.32
N THR A 809 -0.80 -0.95 18.31
CA THR A 809 -1.72 -2.10 18.11
C THR A 809 -0.96 -3.37 17.71
N ASN A 810 0.31 -3.28 17.34
CA ASN A 810 1.07 -4.49 17.04
C ASN A 810 1.76 -5.07 18.26
N ASN A 811 1.56 -4.45 19.44
CA ASN A 811 2.19 -4.94 20.64
C ASN A 811 1.31 -6.13 21.09
N LEU A 812 1.83 -7.33 20.86
CA LEU A 812 1.08 -8.58 21.03
C LEU A 812 0.58 -8.79 22.45
N ARG A 813 1.49 -8.66 23.43
CA ARG A 813 1.06 -8.70 24.83
C ARG A 813 0.12 -7.65 25.33
N ARG A 814 0.39 -6.40 24.96
CA ARG A 814 -0.27 -5.29 25.60
C ARG A 814 -1.50 -4.80 24.84
N PHE A 815 -1.43 -4.64 23.49
CA PHE A 815 -2.70 -4.26 22.81
C PHE A 815 -3.81 -5.25 23.11
N HIS A 816 -3.44 -6.53 23.16
CA HIS A 816 -4.37 -7.64 23.42
C HIS A 816 -4.56 -8.00 24.91
N ASP A 817 -4.22 -7.07 25.79
CA ASP A 817 -4.52 -7.22 27.24
C ASP A 817 -5.92 -7.79 27.46
N ILE A 818 -5.97 -8.90 28.20
CA ILE A 818 -7.27 -9.57 28.41
C ILE A 818 -8.42 -8.74 29.02
N SER A 819 -8.16 -7.65 29.72
CA SER A 819 -9.23 -6.76 30.15
C SER A 819 -10.04 -6.11 29.03
N GLY A 820 -9.48 -6.15 27.82
CA GLY A 820 -10.06 -5.46 26.63
C GLY A 820 -9.75 -3.97 26.60
N LYS A 821 -8.84 -3.49 27.46
CA LYS A 821 -8.56 -2.03 27.59
C LYS A 821 -7.87 -1.46 26.31
N GLY A 822 -7.04 -2.26 25.64
CA GLY A 822 -6.43 -1.85 24.34
C GLY A 822 -7.53 -1.71 23.27
N TYR A 823 -8.46 -2.65 23.19
CA TYR A 823 -9.52 -2.56 22.20
C TYR A 823 -10.45 -1.35 22.47
N LYS A 824 -10.70 -1.10 23.76
CA LYS A 824 -11.48 0.05 24.21
C LYS A 824 -10.81 1.37 23.79
N LEU A 825 -9.48 1.50 24.02
CA LEU A 825 -8.70 2.67 23.69
C LEU A 825 -8.77 2.93 22.20
N ILE A 826 -8.52 1.90 21.36
CA ILE A 826 -8.52 2.13 19.90
C ILE A 826 -9.95 2.44 19.41
N ALA A 827 -10.97 1.74 19.95
CA ALA A 827 -12.35 2.09 19.57
C ALA A 827 -12.75 3.57 19.93
N GLU A 828 -12.34 4.08 21.08
CA GLU A 828 -12.52 5.48 21.38
C GLU A 828 -11.85 6.40 20.33
N VAL A 829 -10.65 6.01 19.90
CA VAL A 829 -9.93 6.85 18.95
C VAL A 829 -10.66 6.82 17.60
N ILE A 830 -11.12 5.63 17.20
CA ILE A 830 -11.84 5.52 15.91
C ILE A 830 -13.10 6.44 15.98
N THR A 831 -13.87 6.28 17.06
CA THR A 831 -15.14 7.08 17.18
C THR A 831 -14.88 8.62 17.17
N LYS A 832 -13.81 9.05 17.83
CA LYS A 832 -13.42 10.49 17.88
C LYS A 832 -13.04 10.97 16.49
N THR A 833 -12.16 10.18 15.83
CA THR A 833 -11.68 10.50 14.49
C THR A 833 -12.79 10.54 13.47
N ASP A 834 -13.72 9.60 13.56
CA ASP A 834 -14.87 9.52 12.67
C ASP A 834 -15.71 10.84 12.57
N LYS A 835 -15.71 11.63 13.66
CA LYS A 835 -16.45 12.92 13.68
C LYS A 835 -15.92 13.85 12.57
N PHE A 836 -14.63 13.76 12.24
CA PHE A 836 -14.10 14.65 11.19
C PHE A 836 -13.45 14.01 9.97
N ASN A 837 -13.06 12.72 10.06
CA ASN A 837 -12.35 12.05 8.96
C ASN A 837 -12.71 10.54 8.96
N PRO A 838 -13.87 10.20 8.35
CA PRO A 838 -14.33 8.80 8.27
C PRO A 838 -13.29 7.90 7.62
N MET A 839 -12.62 8.39 6.59
CA MET A 839 -11.63 7.54 5.90
CA MET A 839 -11.65 7.56 5.89
C MET A 839 -10.51 7.11 6.85
N VAL A 840 -9.95 8.02 7.63
CA VAL A 840 -8.90 7.63 8.57
C VAL A 840 -9.46 6.81 9.75
N ALA A 841 -10.70 7.15 10.20
CA ALA A 841 -11.34 6.34 11.25
C ALA A 841 -11.42 4.88 10.77
N THR A 842 -11.76 4.68 9.50
CA THR A 842 -11.78 3.30 8.93
C THR A 842 -10.39 2.60 8.90
N GLN A 843 -9.38 3.36 8.49
CA GLN A 843 -8.01 2.88 8.57
C GLN A 843 -7.68 2.44 9.98
N LEU A 844 -8.11 3.19 10.99
CA LEU A 844 -7.75 2.86 12.36
C LEU A 844 -8.47 1.62 12.84
N CYS A 845 -9.46 1.13 12.09
CA CYS A 845 -10.05 -0.20 12.43
C CYS A 845 -9.20 -1.45 12.13
N GLU A 846 -8.06 -1.27 11.47
CA GLU A 846 -7.32 -2.38 10.96
C GLU A 846 -7.03 -3.49 11.98
N PRO A 847 -6.69 -3.15 13.26
CA PRO A 847 -6.43 -4.27 14.19
C PRO A 847 -7.61 -5.22 14.38
N PHE A 848 -8.83 -4.70 14.24
CA PHE A 848 -10.01 -5.48 14.38
C PHE A 848 -10.23 -6.50 13.22
N LYS A 849 -9.46 -6.40 12.10
CA LYS A 849 -9.81 -7.24 10.95
C LYS A 849 -9.69 -8.73 11.27
N LEU A 850 -8.85 -9.05 12.27
CA LEU A 850 -8.63 -10.47 12.62
C LEU A 850 -9.48 -10.95 13.82
N TRP A 851 -10.52 -10.20 14.16
CA TRP A 851 -11.22 -10.40 15.48
C TRP A 851 -11.77 -11.85 15.63
N ASN A 852 -12.19 -12.43 14.51
CA ASN A 852 -12.91 -13.72 14.63
C ASN A 852 -11.91 -14.85 14.56
N LYS A 853 -10.62 -14.50 14.46
CA LYS A 853 -9.53 -15.50 14.48
C LYS A 853 -8.91 -15.71 15.86
N LEU A 854 -9.31 -14.92 16.84
CA LEU A 854 -8.63 -14.99 18.12
C LEU A 854 -9.39 -15.98 19.06
N ASP A 855 -8.85 -16.19 20.25
CA ASP A 855 -9.47 -17.00 21.32
C ASP A 855 -10.83 -16.42 21.70
N THR A 856 -11.73 -17.26 22.23
CA THR A 856 -13.16 -16.81 22.35
C THR A 856 -13.38 -15.60 23.25
N LYS A 857 -12.61 -15.46 24.32
CA LYS A 857 -12.69 -14.28 25.15
C LYS A 857 -12.34 -13.00 24.37
N ARG A 858 -11.24 -13.04 23.61
CA ARG A 858 -10.80 -11.85 22.88
C ARG A 858 -11.73 -11.57 21.72
N GLN A 859 -12.24 -12.59 21.04
CA GLN A 859 -13.27 -12.38 19.98
C GLN A 859 -14.45 -11.58 20.52
N GLU A 860 -14.92 -11.98 21.70
CA GLU A 860 -16.02 -11.33 22.34
C GLU A 860 -15.72 -9.87 22.78
N LEU A 861 -14.55 -9.61 23.38
CA LEU A 861 -14.11 -8.27 23.74
C LEU A 861 -14.03 -7.34 22.52
N MET A 862 -13.52 -7.84 21.41
CA MET A 862 -13.40 -7.00 20.19
C MET A 862 -14.76 -6.76 19.57
N LEU A 863 -15.57 -7.81 19.48
CA LEU A 863 -16.95 -7.70 18.95
C LEU A 863 -17.76 -6.70 19.81
N ASN A 864 -17.62 -6.74 21.14
CA ASN A 864 -18.28 -5.72 22.02
CA ASN A 864 -18.34 -5.74 21.95
C ASN A 864 -17.95 -4.28 21.60
N GLU A 865 -16.67 -4.02 21.33
CA GLU A 865 -16.20 -2.63 20.98
C GLU A 865 -16.69 -2.21 19.63
N MET A 866 -16.68 -3.13 18.67
CA MET A 866 -17.21 -2.89 17.36
C MET A 866 -18.70 -2.60 17.40
N ASN A 867 -19.44 -3.38 18.17
CA ASN A 867 -20.89 -3.11 18.36
C ASN A 867 -21.12 -1.77 19.05
N THR A 868 -20.32 -1.45 20.06
CA THR A 868 -20.39 -0.10 20.64
C THR A 868 -20.16 1.01 19.59
N MET A 869 -19.15 0.86 18.74
CA MET A 869 -18.91 1.86 17.71
C MET A 869 -20.09 1.93 16.74
N LEU A 870 -20.65 0.78 16.39
CA LEU A 870 -21.78 0.74 15.41
C LEU A 870 -23.03 1.42 15.97
N GLN A 871 -23.13 1.49 17.29
CA GLN A 871 -24.31 2.02 17.90
C GLN A 871 -24.18 3.57 18.06
N GLU A 872 -23.04 4.17 17.72
CA GLU A 872 -22.89 5.62 17.92
C GLU A 872 -23.89 6.33 17.04
N PRO A 873 -24.71 7.26 17.59
CA PRO A 873 -25.75 7.84 16.72
C PRO A 873 -25.16 8.66 15.60
N GLN A 874 -23.96 9.21 15.80
CA GLN A 874 -23.38 10.08 14.79
C GLN A 874 -22.35 9.33 13.87
N ILE A 875 -22.38 8.01 13.83
CA ILE A 875 -21.45 7.24 12.90
C ILE A 875 -21.56 7.62 11.41
N SER A 876 -20.41 7.75 10.72
CA SER A 876 -20.41 8.04 9.32
C SER A 876 -20.94 6.86 8.49
N ASN A 877 -21.48 7.16 7.31
CA ASN A 877 -21.85 6.11 6.38
C ASN A 877 -20.66 5.15 6.10
N ASN A 878 -19.47 5.70 5.91
CA ASN A 878 -18.33 4.91 5.56
C ASN A 878 -17.85 3.97 6.69
N LEU A 879 -17.82 4.48 7.89
CA LEU A 879 -17.42 3.65 9.01
C LEU A 879 -18.49 2.58 9.23
N LYS A 880 -19.74 3.00 9.25
CA LYS A 880 -20.84 2.04 9.41
C LYS A 880 -20.80 0.84 8.42
N GLU A 881 -20.70 1.11 7.13
CA GLU A 881 -20.72 0.10 6.10
C GLU A 881 -19.56 -0.87 6.34
N TYR A 882 -18.40 -0.31 6.65
CA TYR A 882 -17.25 -1.18 6.89
C TYR A 882 -17.44 -2.12 8.11
N LEU A 883 -17.87 -1.55 9.24
CA LEU A 883 -18.00 -2.34 10.44
C LEU A 883 -19.14 -3.34 10.32
N LEU A 884 -20.16 -2.96 9.57
CA LEU A 884 -21.25 -3.95 9.28
C LEU A 884 -20.75 -5.22 8.52
N ARG A 885 -19.93 -4.96 7.48
CA ARG A 885 -19.33 -6.04 6.70
C ARG A 885 -18.33 -6.82 7.58
N LEU A 886 -17.52 -6.12 8.38
CA LEU A 886 -16.54 -6.85 9.21
C LEU A 886 -17.16 -7.74 10.29
N THR A 887 -18.27 -7.33 10.87
CA THR A 887 -18.91 -8.12 11.98
C THR A 887 -19.94 -9.12 11.47
N ASN A 888 -20.02 -9.26 10.15
CA ASN A 888 -20.99 -10.15 9.51
C ASN A 888 -22.40 -9.89 9.97
N LYS A 889 -22.79 -8.61 10.08
CA LYS A 889 -24.11 -8.24 10.62
C LYS A 889 -25.18 -8.47 9.57
#